data_3KJR
#
_entry.id   3KJR
#
_cell.length_a   83.113
_cell.length_b   97.559
_cell.length_c   152.830
_cell.angle_alpha   90.00
_cell.angle_beta   90.00
_cell.angle_gamma   90.00
#
_symmetry.space_group_name_H-M   'P 21 21 21'
#
loop_
_entity.id
_entity.type
_entity.pdbx_description
1 polymer 'Dihydrofolate reductase/thymidylate synthase'
2 non-polymer 'NADP NICOTINAMIDE-ADENINE-DINUCLEOTIDE PHOSPHATE'
3 non-polymer '2-[N-CYCLOHEXYLAMINO]ETHANE SULFONIC ACID'
4 non-polymer GLYCEROL
5 water water
#
_entity_poly.entity_id   1
_entity_poly.type   'polypeptide(L)'
_entity_poly.pdbx_seq_one_letter_code
;MSNSYEGCGDLTIFVAVALNKVIGHKNQIPWPHITHDFRFLRNGTTYIPPEVLSKNPDIQNVVIFGRKTYESIPKASLPL
KNRINVILSRTVKEVPGCLVYEDLSTAIRDLRANVPHNKIFILGGSFLYKEVLDNGLCDKIYLTRLNKEYPGDTYFPDIP
DTFEITAISPTFSTDFVSYDFVIYERKDCKTVFPDPPFDQLLMTGTDISVPKPKYVACPGVRIRNHEEFQYLDILADVLS
HGVLKPNRTGTDAYSKFGYQMRFDLSRSFPLLTTKKVALRSIIEELLWFIKGSTNGNDLLAKNVRIWELNGRRDFLDKNG
FTDREEHDLGPIYGFQWRHFGAEYLDMHADYTGKGIDQLAEIINRIKTNPNDRRLIVCSWNVSDLKKMALPPCHCFFQFY
VSDNKLSCMMHQRSCDLGLGVPFNIASYSILTAMVAQVCGLGLGEFVHNLADAHIYVDHVDAVTTQIARIPHPFPRLRLN
PDIRNIEDFTIDDIVVEDYVSHPPIPMAMSA
;
_entity_poly.pdbx_strand_id   A,B
#
# COMPACT_ATOMS: atom_id res chain seq x y z
N TYR A 5 -43.79 -22.51 4.28
CA TYR A 5 -42.54 -21.80 4.71
C TYR A 5 -42.71 -20.29 4.79
N GLU A 6 -43.96 -19.85 4.95
CA GLU A 6 -44.27 -18.43 5.10
C GLU A 6 -43.58 -17.90 6.37
N GLY A 7 -42.88 -16.78 6.22
CA GLY A 7 -42.15 -16.15 7.33
C GLY A 7 -40.92 -16.91 7.79
N CYS A 8 -40.45 -17.86 6.98
CA CYS A 8 -39.35 -18.76 7.35
C CYS A 8 -38.04 -18.50 6.58
N GLY A 9 -37.97 -17.38 5.87
CA GLY A 9 -36.79 -17.06 5.08
C GLY A 9 -35.68 -16.36 5.84
N ASP A 10 -34.64 -15.97 5.12
CA ASP A 10 -33.51 -15.21 5.67
C ASP A 10 -32.81 -15.96 6.81
N LEU A 11 -32.56 -17.25 6.58
CA LEU A 11 -31.84 -18.11 7.52
C LEU A 11 -30.37 -18.21 7.04
N THR A 12 -29.43 -17.99 7.95
CA THR A 12 -28.02 -17.90 7.54
C THR A 12 -27.29 -19.20 7.92
N ILE A 13 -26.59 -19.79 6.96
CA ILE A 13 -25.88 -21.05 7.17
C ILE A 13 -24.42 -20.78 7.53
N PHE A 14 -23.89 -21.57 8.47
CA PHE A 14 -22.43 -21.75 8.62
C PHE A 14 -22.17 -23.23 8.36
N VAL A 15 -21.15 -23.50 7.56
CA VAL A 15 -20.79 -24.88 7.25
C VAL A 15 -19.32 -24.91 6.86
N ALA A 16 -18.66 -26.06 7.09
CA ALA A 16 -17.29 -26.29 6.64
C ALA A 16 -17.31 -27.44 5.67
N VAL A 17 -16.78 -27.24 4.47
CA VAL A 17 -16.96 -28.20 3.38
C VAL A 17 -15.66 -28.61 2.67
N ALA A 18 -15.45 -29.91 2.52
CA ALA A 18 -14.31 -30.42 1.78
C ALA A 18 -14.47 -30.20 0.25
N LEU A 19 -13.37 -30.43 -0.47
CA LEU A 19 -13.34 -30.19 -1.91
C LEU A 19 -14.36 -31.06 -2.66
N ASN A 20 -14.60 -32.27 -2.15
CA ASN A 20 -15.63 -33.14 -2.75
C ASN A 20 -17.00 -32.97 -2.09
N LYS A 21 -17.22 -31.83 -1.41
CA LYS A 21 -18.52 -31.48 -0.82
C LYS A 21 -18.89 -32.24 0.47
N VAL A 22 -17.99 -33.11 0.94
CA VAL A 22 -18.19 -33.89 2.19
C VAL A 22 -18.17 -32.97 3.41
N ILE A 23 -19.08 -33.20 4.35
CA ILE A 23 -19.15 -32.41 5.58
C ILE A 23 -19.19 -33.34 6.79
N GLY A 24 -19.49 -34.62 6.57
CA GLY A 24 -19.63 -35.59 7.66
C GLY A 24 -19.21 -37.00 7.29
N HIS A 25 -18.76 -37.75 8.29
CA HIS A 25 -18.33 -39.13 8.15
C HIS A 25 -18.65 -39.85 9.44
N LYS A 26 -19.48 -40.89 9.35
CA LYS A 26 -19.87 -41.68 10.52
C LYS A 26 -20.33 -40.77 11.67
N ASN A 27 -21.20 -39.81 11.33
CA ASN A 27 -21.71 -38.80 12.24
C ASN A 27 -20.64 -37.99 13.03
N GLN A 28 -19.44 -37.89 12.48
CA GLN A 28 -18.46 -36.96 13.01
C GLN A 28 -17.87 -36.09 11.88
N ILE A 29 -17.23 -34.99 12.28
CA ILE A 29 -16.47 -34.16 11.35
C ILE A 29 -15.30 -34.99 10.81
N PRO A 30 -15.13 -35.07 9.48
CA PRO A 30 -14.11 -35.96 8.90
C PRO A 30 -12.66 -35.53 9.11
N TRP A 31 -12.44 -34.28 9.52
CA TRP A 31 -11.09 -33.76 9.72
C TRP A 31 -10.95 -33.34 11.18
N PRO A 32 -9.72 -33.31 11.68
CA PRO A 32 -9.56 -32.87 13.06
C PRO A 32 -9.71 -31.35 13.21
N HIS A 33 -9.56 -30.88 14.44
CA HIS A 33 -9.86 -29.49 14.79
C HIS A 33 -9.11 -28.53 13.89
N ILE A 34 -9.85 -27.57 13.35
CA ILE A 34 -9.24 -26.47 12.55
C ILE A 34 -9.36 -25.15 13.32
N THR A 35 -8.22 -24.64 13.79
CA THR A 35 -8.19 -23.54 14.75
C THR A 35 -9.02 -22.32 14.35
N HIS A 36 -8.77 -21.75 13.18
CA HIS A 36 -9.51 -20.54 12.80
C HIS A 36 -10.99 -20.82 12.46
N ASP A 37 -11.30 -22.02 11.99
CA ASP A 37 -12.70 -22.39 11.71
C ASP A 37 -13.53 -22.41 12.99
N PHE A 38 -12.94 -22.93 14.06
CA PHE A 38 -13.66 -23.00 15.33
C PHE A 38 -14.00 -21.58 15.82
N ARG A 39 -13.03 -20.68 15.72
CA ARG A 39 -13.20 -19.29 16.18
C ARG A 39 -14.16 -18.51 15.30
N PHE A 40 -14.08 -18.77 14.00
CA PHE A 40 -14.93 -18.12 13.00
C PHE A 40 -16.40 -18.43 13.27
N LEU A 41 -16.74 -19.71 13.40
CA LEU A 41 -18.11 -20.11 13.73
C LEU A 41 -18.60 -19.46 15.06
N ARG A 42 -17.79 -19.60 16.10
CA ARG A 42 -18.13 -19.01 17.40
C ARG A 42 -18.31 -17.50 17.29
N ASN A 43 -17.36 -16.80 16.65
CA ASN A 43 -17.47 -15.35 16.51
C ASN A 43 -18.65 -14.94 15.64
N GLY A 44 -18.84 -15.63 14.52
CA GLY A 44 -19.89 -15.31 13.56
C GLY A 44 -21.30 -15.45 14.12
N THR A 45 -21.51 -16.47 14.95
CA THR A 45 -22.85 -16.81 15.45
C THR A 45 -23.20 -16.16 16.79
N THR A 46 -22.22 -15.56 17.46
CA THR A 46 -22.48 -14.89 18.74
CA THR A 46 -22.42 -14.90 18.75
C THR A 46 -22.61 -13.39 18.59
N TYR A 47 -22.07 -12.82 17.51
CA TYR A 47 -22.05 -11.37 17.36
C TYR A 47 -23.44 -10.69 17.32
N ILE A 48 -23.55 -9.60 18.09
CA ILE A 48 -24.74 -8.76 18.09
C ILE A 48 -24.25 -7.34 17.78
N PRO A 49 -24.83 -6.66 16.76
CA PRO A 49 -24.39 -5.30 16.50
C PRO A 49 -24.57 -4.39 17.73
N PRO A 50 -23.56 -3.53 18.01
CA PRO A 50 -23.57 -2.69 19.22
C PRO A 50 -24.89 -1.90 19.41
N GLU A 51 -25.48 -1.40 18.33
CA GLU A 51 -26.73 -0.65 18.40
C GLU A 51 -27.90 -1.53 18.82
N VAL A 52 -27.90 -2.79 18.35
CA VAL A 52 -28.93 -3.75 18.71
C VAL A 52 -28.76 -4.15 20.17
N LEU A 53 -27.50 -4.29 20.59
CA LEU A 53 -27.15 -4.59 21.98
C LEU A 53 -27.50 -3.41 22.92
N SER A 54 -27.65 -2.20 22.37
CA SER A 54 -28.08 -1.02 23.13
C SER A 54 -29.56 -1.10 23.50
N LYS A 55 -30.40 -1.43 22.51
CA LYS A 55 -31.83 -1.54 22.75
C LYS A 55 -32.25 -2.85 23.47
N ASN A 56 -31.43 -3.90 23.40
CA ASN A 56 -31.62 -5.09 24.26
C ASN A 56 -30.30 -5.75 24.67
N PRO A 57 -29.77 -5.37 25.85
CA PRO A 57 -28.45 -5.87 26.31
C PRO A 57 -28.35 -7.40 26.51
N ASP A 58 -29.49 -8.07 26.72
CA ASP A 58 -29.50 -9.53 26.90
C ASP A 58 -29.79 -10.30 25.63
N ILE A 59 -29.93 -9.61 24.49
CA ILE A 59 -30.31 -10.25 23.23
C ILE A 59 -29.23 -11.22 22.75
N GLN A 60 -29.66 -12.29 22.09
CA GLN A 60 -28.77 -13.34 21.59
C GLN A 60 -29.21 -13.78 20.20
N ASN A 61 -28.29 -14.40 19.46
CA ASN A 61 -28.67 -15.13 18.27
C ASN A 61 -29.16 -16.54 18.61
N VAL A 62 -29.81 -17.15 17.62
CA VAL A 62 -30.29 -18.53 17.68
C VAL A 62 -29.39 -19.37 16.77
N VAL A 63 -29.01 -20.55 17.25
CA VAL A 63 -28.36 -21.55 16.39
C VAL A 63 -29.26 -22.79 16.34
N ILE A 64 -29.47 -23.33 15.14
CA ILE A 64 -30.34 -24.50 14.93
C ILE A 64 -29.55 -25.70 14.40
N PHE A 65 -29.80 -26.86 15.01
CA PHE A 65 -29.17 -28.15 14.66
C PHE A 65 -30.25 -29.21 14.39
N GLY A 66 -30.05 -30.07 13.40
CA GLY A 66 -30.84 -31.32 13.22
C GLY A 66 -30.40 -32.37 14.24
N ARG A 67 -31.18 -33.45 14.39
CA ARG A 67 -30.98 -34.43 15.48
C ARG A 67 -29.62 -35.13 15.45
N LYS A 68 -29.14 -35.51 14.26
CA LYS A 68 -27.84 -36.21 14.14
C LYS A 68 -26.66 -35.28 14.45
N THR A 69 -26.76 -34.02 14.05
CA THR A 69 -25.75 -33.02 14.45
C THR A 69 -25.77 -32.82 15.96
N TYR A 70 -26.96 -32.71 16.53
CA TYR A 70 -27.14 -32.67 17.98
C TYR A 70 -26.44 -33.85 18.68
N GLU A 71 -26.66 -35.07 18.21
CA GLU A 71 -26.00 -36.24 18.83
C GLU A 71 -24.49 -36.31 18.65
N SER A 72 -23.96 -35.63 17.63
CA SER A 72 -22.51 -35.58 17.45
C SER A 72 -21.86 -34.67 18.50
N ILE A 73 -22.66 -33.81 19.12
CA ILE A 73 -22.16 -32.85 20.10
C ILE A 73 -22.16 -33.45 21.51
N PRO A 74 -21.01 -33.39 22.21
CA PRO A 74 -20.96 -33.90 23.60
C PRO A 74 -22.04 -33.22 24.42
N LYS A 75 -22.85 -34.02 25.11
CA LYS A 75 -23.97 -33.46 25.89
C LYS A 75 -23.52 -32.36 26.83
N ALA A 76 -22.28 -32.45 27.33
CA ALA A 76 -21.75 -31.45 28.24
C ALA A 76 -21.48 -30.10 27.56
N SER A 77 -21.25 -30.10 26.25
CA SER A 77 -21.01 -28.86 25.48
C SER A 77 -22.30 -28.07 25.13
N LEU A 78 -23.47 -28.63 25.43
CA LEU A 78 -24.72 -27.99 25.10
C LEU A 78 -25.37 -27.41 26.34
N PRO A 79 -26.02 -26.25 26.23
CA PRO A 79 -26.14 -25.40 25.03
C PRO A 79 -24.83 -24.70 24.69
N LEU A 80 -24.59 -24.43 23.41
CA LEU A 80 -23.49 -23.56 23.01
C LEU A 80 -23.66 -22.22 23.72
N LYS A 81 -22.60 -21.76 24.39
CA LYS A 81 -22.70 -20.57 25.25
C LYS A 81 -23.08 -19.32 24.46
N ASN A 82 -23.79 -18.40 25.12
CA ASN A 82 -24.17 -17.09 24.58
C ASN A 82 -25.14 -17.07 23.39
N ARG A 83 -25.78 -18.19 23.10
CA ARG A 83 -26.71 -18.30 21.96
C ARG A 83 -27.91 -19.11 22.39
N ILE A 84 -29.07 -18.85 21.79
CA ILE A 84 -30.25 -19.69 21.99
C ILE A 84 -30.07 -20.95 21.13
N ASN A 85 -30.07 -22.11 21.77
CA ASN A 85 -29.84 -23.38 21.06
C ASN A 85 -31.17 -24.06 20.74
N VAL A 86 -31.37 -24.37 19.45
CA VAL A 86 -32.59 -25.04 18.99
C VAL A 86 -32.25 -26.38 18.34
N ILE A 87 -32.91 -27.44 18.81
CA ILE A 87 -32.77 -28.77 18.21
C ILE A 87 -34.05 -29.15 17.47
N LEU A 88 -33.92 -29.65 16.24
CA LEU A 88 -35.06 -30.18 15.48
C LEU A 88 -35.09 -31.70 15.52
N SER A 89 -36.16 -32.24 16.08
CA SER A 89 -36.25 -33.68 16.28
C SER A 89 -37.67 -34.13 16.61
N ARG A 90 -38.03 -35.31 16.10
CA ARG A 90 -39.30 -35.97 16.45
C ARG A 90 -39.07 -37.03 17.52
N THR A 91 -37.82 -37.43 17.70
CA THR A 91 -37.46 -38.56 18.58
C THR A 91 -36.89 -38.11 19.94
N VAL A 92 -36.21 -36.96 19.95
CA VAL A 92 -35.79 -36.32 21.21
C VAL A 92 -36.80 -35.20 21.54
N LYS A 93 -37.25 -35.16 22.79
CA LYS A 93 -38.32 -34.25 23.20
C LYS A 93 -37.86 -33.08 24.10
N GLU A 94 -36.80 -33.32 24.88
CA GLU A 94 -36.29 -32.35 25.85
C GLU A 94 -34.77 -32.42 25.88
N VAL A 95 -34.13 -31.25 25.79
CA VAL A 95 -32.68 -31.14 25.91
C VAL A 95 -32.38 -29.98 26.86
N PRO A 96 -31.76 -30.26 28.03
CA PRO A 96 -31.54 -29.20 29.01
C PRO A 96 -30.84 -27.98 28.43
N GLY A 97 -31.44 -26.81 28.66
CA GLY A 97 -30.88 -25.53 28.23
C GLY A 97 -31.12 -25.23 26.76
N CYS A 98 -31.86 -26.10 26.07
CA CYS A 98 -32.13 -25.95 24.64
C CYS A 98 -33.62 -25.99 24.37
N LEU A 99 -34.01 -25.42 23.23
CA LEU A 99 -35.37 -25.54 22.71
C LEU A 99 -35.45 -26.65 21.68
N VAL A 100 -36.55 -27.40 21.70
CA VAL A 100 -36.72 -28.52 20.80
C VAL A 100 -38.02 -28.33 20.04
N TYR A 101 -37.99 -28.48 18.72
CA TYR A 101 -39.20 -28.44 17.90
C TYR A 101 -39.20 -29.63 16.97
N GLU A 102 -40.39 -30.02 16.53
CA GLU A 102 -40.55 -31.17 15.64
C GLU A 102 -40.06 -30.94 14.24
N ASP A 103 -40.13 -29.70 13.75
CA ASP A 103 -39.59 -29.38 12.42
C ASP A 103 -39.20 -27.92 12.24
N LEU A 104 -38.55 -27.62 11.12
CA LEU A 104 -37.98 -26.29 10.89
C LEU A 104 -39.04 -25.19 10.87
N SER A 105 -40.07 -25.36 10.03
CA SER A 105 -41.04 -24.30 9.84
C SER A 105 -41.76 -23.94 11.16
N THR A 106 -42.06 -24.95 11.98
CA THR A 106 -42.63 -24.71 13.33
C THR A 106 -41.68 -23.89 14.17
N ALA A 107 -40.40 -24.29 14.18
CA ALA A 107 -39.36 -23.60 14.93
C ALA A 107 -39.25 -22.12 14.53
N ILE A 108 -39.07 -21.84 13.24
CA ILE A 108 -38.80 -20.45 12.80
C ILE A 108 -40.00 -19.56 13.16
N ARG A 109 -41.20 -20.05 12.92
CA ARG A 109 -42.40 -19.26 13.22
C ARG A 109 -42.57 -18.98 14.72
N ASP A 110 -42.36 -20.00 15.54
CA ASP A 110 -42.45 -19.78 16.98
C ASP A 110 -41.32 -18.86 17.50
N LEU A 111 -40.09 -19.04 17.00
CA LEU A 111 -38.98 -18.15 17.37
C LEU A 111 -39.29 -16.69 17.05
N ARG A 112 -39.70 -16.43 15.81
CA ARG A 112 -39.96 -15.07 15.36
C ARG A 112 -41.21 -14.46 15.99
N ALA A 113 -42.16 -15.29 16.45
CA ALA A 113 -43.32 -14.77 17.18
C ALA A 113 -43.07 -14.54 18.68
N ASN A 114 -42.36 -15.48 19.33
CA ASN A 114 -42.38 -15.59 20.79
C ASN A 114 -41.04 -15.53 21.52
N VAL A 115 -39.94 -15.74 20.80
CA VAL A 115 -38.64 -15.80 21.45
C VAL A 115 -37.74 -14.69 20.93
N PRO A 116 -37.73 -13.52 21.63
CA PRO A 116 -36.88 -12.40 21.22
C PRO A 116 -35.43 -12.87 20.97
N HIS A 117 -34.90 -12.50 19.80
CA HIS A 117 -33.56 -12.89 19.40
C HIS A 117 -33.09 -11.92 18.31
N ASN A 118 -31.80 -11.97 18.01
CA ASN A 118 -31.25 -11.16 16.94
C ASN A 118 -31.33 -11.83 15.54
N LYS A 119 -30.46 -12.80 15.26
CA LYS A 119 -30.43 -13.50 13.96
C LYS A 119 -30.53 -15.01 14.15
N ILE A 120 -31.07 -15.72 13.16
CA ILE A 120 -31.09 -17.20 13.16
C ILE A 120 -30.01 -17.78 12.23
N PHE A 121 -29.23 -18.71 12.78
CA PHE A 121 -28.23 -19.44 12.03
C PHE A 121 -28.54 -20.93 11.99
N ILE A 122 -28.16 -21.55 10.87
CA ILE A 122 -28.38 -22.96 10.62
C ILE A 122 -27.03 -23.67 10.61
N LEU A 123 -26.84 -24.57 11.57
CA LEU A 123 -25.54 -25.20 11.77
C LEU A 123 -25.45 -26.66 11.34
N GLY A 124 -26.41 -27.14 10.54
CA GLY A 124 -26.38 -28.52 10.05
C GLY A 124 -27.45 -29.40 10.70
N GLY A 125 -27.60 -30.64 10.25
CA GLY A 125 -26.71 -31.25 9.25
C GLY A 125 -27.24 -31.18 7.83
N SER A 126 -26.83 -32.15 7.02
CA SER A 126 -27.15 -32.15 5.59
C SER A 126 -28.64 -32.07 5.31
N PHE A 127 -29.46 -32.79 6.10
CA PHE A 127 -30.90 -32.79 5.87
C PHE A 127 -31.51 -31.39 6.06
N LEU A 128 -31.08 -30.70 7.12
CA LEU A 128 -31.52 -29.34 7.37
C LEU A 128 -30.96 -28.36 6.33
N TYR A 129 -29.69 -28.53 5.95
CA TYR A 129 -29.12 -27.67 4.92
C TYR A 129 -29.91 -27.80 3.62
N LYS A 130 -30.28 -29.03 3.27
CA LYS A 130 -31.06 -29.32 2.04
C LYS A 130 -32.49 -28.75 2.12
N GLU A 131 -33.12 -28.85 3.28
CA GLU A 131 -34.47 -28.30 3.45
C GLU A 131 -34.44 -26.79 3.26
N VAL A 132 -33.39 -26.16 3.80
CA VAL A 132 -33.26 -24.71 3.77
C VAL A 132 -32.97 -24.22 2.36
N LEU A 133 -32.06 -24.89 1.66
CA LEU A 133 -31.67 -24.44 0.34
C LEU A 133 -32.75 -24.74 -0.71
N ASP A 134 -33.36 -25.92 -0.60
CA ASP A 134 -34.40 -26.34 -1.56
C ASP A 134 -35.59 -25.41 -1.52
N ASN A 135 -35.89 -24.86 -0.34
CA ASN A 135 -37.04 -23.99 -0.19
C ASN A 135 -36.76 -22.48 -0.23
N GLY A 136 -35.55 -22.11 -0.66
CA GLY A 136 -35.16 -20.69 -0.80
C GLY A 136 -35.10 -19.91 0.51
N LEU A 137 -34.84 -20.61 1.62
CA LEU A 137 -34.95 -19.99 2.95
C LEU A 137 -33.66 -19.30 3.45
N CYS A 138 -32.59 -19.41 2.64
CA CYS A 138 -31.26 -18.89 3.01
C CYS A 138 -30.84 -17.75 2.10
N ASP A 139 -30.38 -16.65 2.69
CA ASP A 139 -29.91 -15.51 1.93
C ASP A 139 -28.40 -15.33 2.03
N LYS A 140 -27.76 -16.11 2.91
CA LYS A 140 -26.32 -15.93 3.16
C LYS A 140 -25.70 -17.23 3.68
N ILE A 141 -24.58 -17.62 3.08
CA ILE A 141 -23.84 -18.81 3.53
C ILE A 141 -22.41 -18.37 3.93
N TYR A 142 -22.02 -18.66 5.16
CA TYR A 142 -20.62 -18.52 5.58
C TYR A 142 -20.01 -19.90 5.44
N LEU A 143 -19.07 -20.02 4.52
CA LEU A 143 -18.61 -21.34 4.17
C LEU A 143 -17.10 -21.42 4.35
N THR A 144 -16.64 -22.45 5.06
CA THR A 144 -15.21 -22.69 5.20
C THR A 144 -14.79 -23.66 4.10
N ARG A 145 -13.85 -23.24 3.25
CA ARG A 145 -13.48 -24.07 2.09
C ARG A 145 -12.21 -24.86 2.42
N LEU A 146 -12.29 -26.19 2.41
CA LEU A 146 -11.12 -27.03 2.64
C LEU A 146 -10.63 -27.51 1.32
N ASN A 147 -9.35 -27.28 1.04
CA ASN A 147 -8.77 -27.54 -0.28
C ASN A 147 -8.40 -28.97 -0.56
N LYS A 148 -9.05 -29.92 0.09
CA LYS A 148 -8.81 -31.31 -0.29
C LYS A 148 -10.04 -32.17 -0.04
N GLU A 149 -10.06 -33.34 -0.68
CA GLU A 149 -11.18 -34.26 -0.54
C GLU A 149 -11.08 -35.04 0.76
N TYR A 150 -12.21 -35.32 1.37
CA TYR A 150 -12.22 -36.19 2.55
C TYR A 150 -13.21 -37.32 2.31
N PRO A 151 -12.89 -38.52 2.80
CA PRO A 151 -13.90 -39.58 2.75
C PRO A 151 -15.08 -39.14 3.62
N GLY A 152 -16.29 -39.47 3.20
CA GLY A 152 -17.48 -39.10 3.98
C GLY A 152 -18.76 -39.68 3.41
N ASP A 153 -19.84 -39.62 4.18
CA ASP A 153 -21.14 -40.15 3.74
C ASP A 153 -22.22 -39.07 3.72
N THR A 154 -21.80 -37.84 4.04
CA THR A 154 -22.73 -36.73 4.26
C THR A 154 -22.16 -35.52 3.52
N TYR A 155 -23.01 -34.81 2.77
CA TYR A 155 -22.56 -33.81 1.81
C TYR A 155 -23.29 -32.51 2.00
N PHE A 156 -22.66 -31.39 1.64
CA PHE A 156 -23.38 -30.12 1.53
C PHE A 156 -24.05 -30.09 0.13
N PRO A 157 -25.29 -29.57 0.05
CA PRO A 157 -25.91 -29.53 -1.28
C PRO A 157 -25.15 -28.62 -2.23
N ASP A 158 -25.34 -28.81 -3.53
CA ASP A 158 -24.85 -27.86 -4.53
C ASP A 158 -25.42 -26.52 -4.18
N ILE A 159 -24.61 -25.48 -4.32
CA ILE A 159 -25.09 -24.15 -4.05
C ILE A 159 -25.78 -23.63 -5.31
N PRO A 160 -27.07 -23.23 -5.19
CA PRO A 160 -27.78 -22.71 -6.37
C PRO A 160 -27.04 -21.58 -7.04
N ASP A 161 -27.20 -21.48 -8.34
CA ASP A 161 -26.55 -20.43 -9.11
C ASP A 161 -27.16 -19.05 -8.85
N THR A 162 -28.17 -18.98 -7.99
CA THR A 162 -28.67 -17.69 -7.49
C THR A 162 -27.70 -17.00 -6.48
N PHE A 163 -26.73 -17.76 -5.97
CA PHE A 163 -25.75 -17.22 -5.02
C PHE A 163 -24.47 -16.85 -5.77
N GLU A 164 -23.74 -15.88 -5.24
CA GLU A 164 -22.39 -15.60 -5.70
C GLU A 164 -21.51 -15.33 -4.46
N ILE A 165 -20.20 -15.53 -4.60
CA ILE A 165 -19.26 -15.24 -3.52
C ILE A 165 -19.04 -13.72 -3.43
N THR A 166 -19.23 -13.15 -2.25
CA THR A 166 -19.09 -11.72 -2.07
C THR A 166 -17.96 -11.35 -1.13
N ALA A 167 -17.29 -12.36 -0.55
CA ALA A 167 -16.20 -12.09 0.40
C ALA A 167 -15.31 -13.31 0.47
N ILE A 168 -14.00 -13.09 0.57
CA ILE A 168 -13.04 -14.18 0.69
C ILE A 168 -12.02 -13.74 1.74
N SER A 169 -11.76 -14.59 2.72
CA SER A 169 -10.71 -14.31 3.73
C SER A 169 -9.31 -14.56 3.17
N PRO A 170 -8.25 -14.23 3.96
CA PRO A 170 -6.93 -14.76 3.63
C PRO A 170 -6.91 -16.29 3.76
N THR A 171 -5.90 -16.91 3.16
CA THR A 171 -5.75 -18.37 3.27
C THR A 171 -5.04 -18.71 4.55
N PHE A 172 -5.49 -19.78 5.19
CA PHE A 172 -4.87 -20.33 6.37
C PHE A 172 -4.45 -21.77 6.11
N SER A 173 -3.67 -22.36 7.03
CA SER A 173 -3.32 -23.77 6.87
C SER A 173 -3.09 -24.45 8.19
N THR A 174 -3.38 -25.75 8.21
CA THR A 174 -2.90 -26.61 9.30
C THR A 174 -1.82 -27.49 8.69
N ASP A 175 -1.33 -28.48 9.46
CA ASP A 175 -0.42 -29.51 8.92
C ASP A 175 -1.07 -30.42 7.90
N PHE A 176 -2.39 -30.39 7.77
CA PHE A 176 -3.11 -31.35 6.93
C PHE A 176 -4.00 -30.74 5.81
N VAL A 177 -4.20 -29.43 5.80
CA VAL A 177 -5.06 -28.83 4.79
C VAL A 177 -4.81 -27.35 4.71
N SER A 178 -5.03 -26.77 3.53
CA SER A 178 -5.19 -25.33 3.47
C SER A 178 -6.67 -24.99 3.31
N TYR A 179 -7.06 -23.85 3.83
CA TYR A 179 -8.47 -23.48 3.85
C TYR A 179 -8.66 -21.98 3.91
N ASP A 180 -9.87 -21.53 3.55
CA ASP A 180 -10.23 -20.14 3.80
C ASP A 180 -11.72 -20.03 4.10
N PHE A 181 -12.22 -18.81 4.28
CA PHE A 181 -13.63 -18.57 4.50
C PHE A 181 -14.16 -17.74 3.36
N VAL A 182 -15.38 -18.04 2.93
CA VAL A 182 -16.07 -17.21 1.96
C VAL A 182 -17.50 -16.92 2.41
N ILE A 183 -18.07 -15.86 1.86
CA ILE A 183 -19.49 -15.58 2.02
C ILE A 183 -20.13 -15.70 0.65
N TYR A 184 -21.18 -16.52 0.57
CA TYR A 184 -22.09 -16.52 -0.57
C TYR A 184 -23.31 -15.71 -0.21
N GLU A 185 -23.76 -14.88 -1.14
CA GLU A 185 -25.01 -14.15 -0.98
C GLU A 185 -25.90 -14.33 -2.20
N ARG A 186 -27.18 -14.50 -1.92
CA ARG A 186 -28.19 -14.65 -2.94
C ARG A 186 -28.28 -13.35 -3.74
N LYS A 187 -27.73 -13.38 -4.96
CA LYS A 187 -27.94 -12.41 -6.06
C LYS A 187 -26.77 -12.37 -7.04
N PRO A 197 -20.06 8.44 1.05
CA PRO A 197 -20.36 9.78 1.54
C PRO A 197 -19.67 10.82 0.67
N PHE A 198 -20.39 11.90 0.36
CA PHE A 198 -19.95 12.92 -0.57
C PHE A 198 -18.63 13.60 -0.23
N ASP A 199 -18.36 13.77 1.07
CA ASP A 199 -17.13 14.40 1.52
C ASP A 199 -15.92 13.59 1.05
N GLN A 200 -16.04 12.26 1.06
CA GLN A 200 -14.97 11.41 0.57
C GLN A 200 -14.64 11.68 -0.90
N LEU A 201 -15.65 12.04 -1.69
CA LEU A 201 -15.42 12.39 -3.10
C LEU A 201 -14.88 13.82 -3.24
N LEU A 202 -15.43 14.73 -2.43
CA LEU A 202 -15.04 16.13 -2.53
C LEU A 202 -13.58 16.35 -2.11
N MET A 203 -13.18 15.65 -1.07
CA MET A 203 -11.89 15.87 -0.41
C MET A 203 -10.68 15.19 -1.04
N THR A 204 -10.89 14.50 -2.16
CA THR A 204 -9.80 14.08 -3.02
C THR A 204 -9.22 15.32 -3.74
N GLY A 205 -10.01 16.38 -3.80
CA GLY A 205 -9.65 17.57 -4.56
C GLY A 205 -9.72 17.42 -6.08
N THR A 206 -10.10 16.23 -6.55
CA THR A 206 -10.21 16.00 -7.99
C THR A 206 -11.69 15.85 -8.37
N ASP A 207 -11.95 15.57 -9.65
CA ASP A 207 -13.31 15.45 -10.19
C ASP A 207 -14.22 14.66 -9.25
N ILE A 208 -15.37 15.22 -8.91
CA ILE A 208 -16.30 14.55 -7.99
C ILE A 208 -16.98 13.32 -8.63
N SER A 209 -17.17 13.39 -9.95
CA SER A 209 -17.73 12.28 -10.71
C SER A 209 -16.66 11.72 -11.64
N VAL A 210 -16.17 10.53 -11.30
CA VAL A 210 -15.12 9.88 -12.06
C VAL A 210 -15.65 8.57 -12.68
N PRO A 211 -15.40 8.38 -14.01
CA PRO A 211 -15.83 7.11 -14.60
C PRO A 211 -15.17 5.93 -13.87
N LYS A 212 -15.93 4.86 -13.67
CA LYS A 212 -15.41 3.63 -13.07
C LYS A 212 -14.20 3.12 -13.87
N PRO A 213 -13.19 2.53 -13.20
CA PRO A 213 -12.10 1.96 -14.03
C PRO A 213 -12.68 0.96 -15.03
N LYS A 214 -12.09 0.89 -16.22
CA LYS A 214 -12.62 -0.01 -17.26
C LYS A 214 -12.51 -1.48 -16.87
N TYR A 215 -11.52 -1.82 -16.04
CA TYR A 215 -11.29 -3.22 -15.66
C TYR A 215 -11.27 -3.33 -14.14
N VAL A 216 -12.02 -4.29 -13.62
CA VAL A 216 -12.12 -4.54 -12.19
C VAL A 216 -12.09 -6.06 -12.04
N ALA A 217 -11.19 -6.55 -11.19
CA ALA A 217 -11.11 -7.97 -10.89
C ALA A 217 -12.28 -8.41 -9.97
N CYS A 218 -12.89 -9.55 -10.29
CA CYS A 218 -13.95 -10.16 -9.45
C CYS A 218 -14.89 -9.11 -8.89
N PRO A 219 -15.65 -8.42 -9.77
CA PRO A 219 -16.39 -7.27 -9.26
C PRO A 219 -17.48 -7.60 -8.24
N GLY A 220 -17.94 -8.85 -8.21
CA GLY A 220 -18.94 -9.30 -7.20
C GLY A 220 -18.37 -9.49 -5.78
N VAL A 221 -17.04 -9.58 -5.66
CA VAL A 221 -16.40 -9.77 -4.36
C VAL A 221 -16.10 -8.42 -3.72
N ARG A 222 -16.79 -8.13 -2.62
CA ARG A 222 -16.69 -6.82 -1.97
C ARG A 222 -15.65 -6.81 -0.85
N ILE A 223 -15.49 -7.93 -0.16
CA ILE A 223 -14.49 -8.03 0.88
C ILE A 223 -13.39 -8.94 0.33
N ARG A 224 -12.21 -8.37 0.08
CA ARG A 224 -11.23 -8.98 -0.83
C ARG A 224 -9.92 -9.26 -0.09
N ASN A 225 -9.95 -10.27 0.76
CA ASN A 225 -8.84 -10.44 1.69
C ASN A 225 -7.88 -11.56 1.30
N HIS A 226 -8.27 -12.37 0.31
CA HIS A 226 -7.37 -13.35 -0.29
C HIS A 226 -6.19 -12.56 -0.88
N GLU A 227 -4.96 -12.96 -0.54
CA GLU A 227 -3.74 -12.26 -1.01
C GLU A 227 -3.65 -12.21 -2.54
N GLU A 228 -4.30 -13.18 -3.22
CA GLU A 228 -4.28 -13.18 -4.70
C GLU A 228 -4.91 -11.90 -5.30
N PHE A 229 -5.85 -11.28 -4.60
CA PHE A 229 -6.44 -10.02 -5.07
C PHE A 229 -5.39 -8.90 -5.26
N GLN A 230 -4.29 -8.96 -4.53
CA GLN A 230 -3.21 -7.96 -4.73
C GLN A 230 -2.73 -7.99 -6.17
N TYR A 231 -2.50 -9.19 -6.66
CA TYR A 231 -2.02 -9.38 -8.03
C TYR A 231 -3.14 -9.08 -9.03
N LEU A 232 -4.33 -9.63 -8.79
CA LEU A 232 -5.46 -9.38 -9.73
C LEU A 232 -5.80 -7.87 -9.83
N ASP A 233 -5.75 -7.18 -8.69
CA ASP A 233 -5.99 -5.71 -8.72
C ASP A 233 -4.92 -4.94 -9.50
N ILE A 234 -3.67 -5.38 -9.42
CA ILE A 234 -2.61 -4.75 -10.22
C ILE A 234 -2.85 -5.00 -11.71
N LEU A 235 -3.22 -6.22 -12.10
CA LEU A 235 -3.58 -6.50 -13.52
C LEU A 235 -4.69 -5.55 -13.97
N ALA A 236 -5.77 -5.47 -13.20
CA ALA A 236 -6.89 -4.56 -13.50
C ALA A 236 -6.50 -3.07 -13.53
N ASP A 237 -5.63 -2.65 -12.63
CA ASP A 237 -5.15 -1.26 -12.61
C ASP A 237 -4.30 -0.92 -13.86
N VAL A 238 -3.43 -1.84 -14.27
CA VAL A 238 -2.59 -1.60 -15.46
C VAL A 238 -3.48 -1.63 -16.71
N LEU A 239 -4.41 -2.57 -16.77
CA LEU A 239 -5.36 -2.60 -17.90
C LEU A 239 -6.19 -1.31 -17.92
N SER A 240 -6.59 -0.81 -16.76
CA SER A 240 -7.41 0.40 -16.71
C SER A 240 -6.63 1.68 -17.00
N HIS A 241 -5.38 1.76 -16.54
CA HIS A 241 -4.67 3.05 -16.50
C HIS A 241 -3.25 3.02 -17.06
N GLY A 242 -2.73 1.83 -17.40
CA GLY A 242 -1.37 1.71 -17.96
C GLY A 242 -1.21 2.46 -19.27
N VAL A 243 0.01 2.93 -19.54
CA VAL A 243 0.29 3.67 -20.77
C VAL A 243 0.88 2.63 -21.73
N LEU A 244 0.45 2.67 -22.98
CA LEU A 244 1.04 1.84 -24.03
C LEU A 244 2.49 2.26 -24.28
N LYS A 245 3.42 1.33 -24.10
CA LYS A 245 4.84 1.66 -23.97
C LYS A 245 5.65 0.72 -24.85
N PRO A 246 6.46 1.28 -25.78
CA PRO A 246 7.38 0.42 -26.54
C PRO A 246 8.49 -0.18 -25.64
N ASN A 247 9.02 -1.33 -26.04
CA ASN A 247 10.06 -1.98 -25.25
C ASN A 247 10.99 -2.75 -26.19
N ARG A 248 12.04 -3.34 -25.61
CA ARG A 248 13.08 -4.10 -26.34
CA ARG A 248 13.05 -4.02 -26.44
C ARG A 248 12.52 -5.25 -27.19
N THR A 249 11.39 -5.82 -26.75
CA THR A 249 10.84 -7.05 -27.38
C THR A 249 10.18 -6.80 -28.73
N GLY A 250 9.69 -5.59 -28.95
CA GLY A 250 8.96 -5.29 -30.18
C GLY A 250 7.47 -5.56 -30.04
N THR A 251 7.08 -6.29 -28.99
CA THR A 251 5.67 -6.40 -28.58
C THR A 251 5.44 -5.35 -27.52
N ASP A 252 4.53 -4.42 -27.82
CA ASP A 252 4.26 -3.32 -26.90
C ASP A 252 3.54 -3.86 -25.66
N ALA A 253 3.58 -3.08 -24.58
CA ALA A 253 2.89 -3.49 -23.35
C ALA A 253 2.28 -2.26 -22.70
N TYR A 254 1.22 -2.45 -21.91
CA TYR A 254 0.65 -1.38 -21.09
C TYR A 254 1.42 -1.38 -19.79
N SER A 255 1.89 -0.21 -19.36
CA SER A 255 2.84 -0.12 -18.26
C SER A 255 2.41 0.93 -17.23
N LYS A 256 2.58 0.61 -15.95
CA LYS A 256 2.36 1.53 -14.84
C LYS A 256 3.44 1.27 -13.78
N PHE A 257 3.77 2.29 -13.00
CA PHE A 257 4.98 2.22 -12.16
C PHE A 257 4.64 2.16 -10.70
N GLY A 258 5.23 1.21 -9.99
CA GLY A 258 5.29 1.25 -8.54
C GLY A 258 4.16 0.59 -7.76
N TYR A 259 4.40 -0.66 -7.37
CA TYR A 259 3.45 -1.41 -6.58
C TYR A 259 4.20 -2.18 -5.50
N GLN A 260 3.48 -2.64 -4.49
CA GLN A 260 4.07 -3.50 -3.47
C GLN A 260 3.04 -4.54 -3.08
N MET A 261 3.38 -5.82 -3.20
CA MET A 261 2.48 -6.87 -2.70
C MET A 261 3.18 -7.56 -1.53
N ARG A 262 2.42 -8.19 -0.64
CA ARG A 262 3.02 -8.99 0.41
C ARG A 262 2.23 -10.28 0.68
N PHE A 263 2.96 -11.32 1.08
CA PHE A 263 2.39 -12.64 1.27
C PHE A 263 2.92 -13.22 2.57
N ASP A 264 2.00 -13.63 3.45
CA ASP A 264 2.37 -14.21 4.72
C ASP A 264 2.72 -15.68 4.50
N LEU A 265 4.00 -16.03 4.54
CA LEU A 265 4.41 -17.39 4.20
C LEU A 265 4.15 -18.41 5.32
N SER A 266 3.78 -17.94 6.52
CA SER A 266 3.46 -18.90 7.59
C SER A 266 2.04 -19.46 7.36
N ARG A 267 1.22 -18.73 6.60
CA ARG A 267 -0.19 -19.11 6.43
C ARG A 267 -0.46 -19.96 5.19
N SER A 268 0.21 -19.65 4.08
CA SER A 268 -0.01 -20.36 2.81
C SER A 268 1.12 -20.07 1.84
N PHE A 269 1.11 -20.79 0.72
CA PHE A 269 2.11 -20.61 -0.30
C PHE A 269 1.42 -19.98 -1.51
N PRO A 270 1.93 -18.81 -1.95
CA PRO A 270 1.18 -18.02 -2.94
C PRO A 270 1.42 -18.44 -4.38
N LEU A 271 1.01 -19.67 -4.71
CA LEU A 271 0.95 -20.12 -6.08
C LEU A 271 -0.42 -19.73 -6.60
N LEU A 272 -0.47 -18.85 -7.61
CA LEU A 272 -1.75 -18.30 -8.07
C LEU A 272 -2.74 -19.39 -8.44
N THR A 273 -4.00 -19.16 -8.11
CA THR A 273 -5.06 -20.14 -8.32
C THR A 273 -5.96 -19.76 -9.50
N THR A 274 -5.88 -18.52 -9.97
CA THR A 274 -6.76 -18.10 -11.07
C THR A 274 -6.25 -18.56 -12.45
N LYS A 275 -5.07 -19.19 -12.51
CA LYS A 275 -4.71 -20.06 -13.63
C LYS A 275 -3.83 -21.15 -13.04
N LYS A 276 -3.70 -22.27 -13.75
CA LYS A 276 -2.76 -23.30 -13.35
C LYS A 276 -1.36 -22.83 -13.70
N VAL A 277 -0.54 -22.58 -12.66
CA VAL A 277 0.83 -22.07 -12.81
C VAL A 277 1.81 -23.25 -12.90
N ALA A 278 2.83 -23.12 -13.75
CA ALA A 278 3.78 -24.21 -13.98
C ALA A 278 4.84 -24.30 -12.85
N LEU A 279 4.41 -24.80 -11.71
CA LEU A 279 5.25 -24.96 -10.52
C LEU A 279 6.56 -25.69 -10.78
N ARG A 280 6.52 -26.78 -11.55
CA ARG A 280 7.72 -27.55 -11.87
C ARG A 280 8.79 -26.65 -12.52
N SER A 281 8.35 -25.78 -13.44
CA SER A 281 9.28 -24.85 -14.10
C SER A 281 9.88 -23.84 -13.11
N ILE A 282 9.06 -23.33 -12.21
CA ILE A 282 9.50 -22.40 -11.14
C ILE A 282 10.60 -23.05 -10.29
N ILE A 283 10.30 -24.26 -9.82
CA ILE A 283 11.25 -25.00 -9.00
C ILE A 283 12.55 -25.27 -9.75
N GLU A 284 12.46 -25.73 -10.99
CA GLU A 284 13.69 -26.06 -11.72
C GLU A 284 14.56 -24.82 -11.98
N GLU A 285 13.89 -23.71 -12.31
CA GLU A 285 14.59 -22.44 -12.48
C GLU A 285 15.32 -22.02 -11.19
N LEU A 286 14.65 -22.13 -10.05
CA LEU A 286 15.24 -21.72 -8.79
C LEU A 286 16.45 -22.61 -8.42
N LEU A 287 16.33 -23.92 -8.62
CA LEU A 287 17.43 -24.83 -8.31
C LEU A 287 18.65 -24.48 -9.18
N TRP A 288 18.37 -24.04 -10.39
CA TRP A 288 19.36 -23.67 -11.38
C TRP A 288 20.08 -22.39 -10.92
N PHE A 289 19.30 -21.39 -10.45
CA PHE A 289 19.89 -20.20 -9.84
C PHE A 289 20.83 -20.59 -8.70
N ILE A 290 20.32 -21.44 -7.81
CA ILE A 290 21.04 -21.82 -6.59
C ILE A 290 22.35 -22.53 -6.91
N LYS A 291 22.35 -23.39 -7.92
CA LYS A 291 23.59 -24.06 -8.30
C LYS A 291 24.58 -23.12 -9.04
N GLY A 292 24.14 -21.89 -9.32
CA GLY A 292 25.00 -20.90 -9.97
C GLY A 292 25.10 -20.99 -11.47
N SER A 293 24.21 -21.76 -12.11
CA SER A 293 24.33 -22.02 -13.54
C SER A 293 23.78 -20.88 -14.41
N THR A 294 24.42 -20.68 -15.56
CA THR A 294 23.97 -19.71 -16.55
C THR A 294 23.79 -20.44 -17.89
N ASN A 295 23.83 -21.77 -17.83
CA ASN A 295 23.69 -22.61 -19.02
C ASN A 295 22.20 -22.93 -19.24
N GLY A 296 21.61 -22.29 -20.24
CA GLY A 296 20.19 -22.50 -20.56
C GLY A 296 19.86 -23.93 -21.02
N ASN A 297 20.85 -24.64 -21.54
CA ASN A 297 20.63 -26.05 -21.90
C ASN A 297 20.21 -26.91 -20.70
N ASP A 298 20.68 -26.52 -19.51
CA ASP A 298 20.33 -27.25 -18.26
C ASP A 298 18.84 -27.32 -18.06
N LEU A 299 18.15 -26.23 -18.41
CA LEU A 299 16.72 -26.12 -18.24
C LEU A 299 15.98 -26.80 -19.39
N LEU A 300 16.43 -26.56 -20.61
CA LEU A 300 15.84 -27.22 -21.77
C LEU A 300 15.89 -28.75 -21.64
N ALA A 301 16.97 -29.28 -21.09
CA ALA A 301 17.11 -30.74 -20.90
C ALA A 301 16.05 -31.28 -19.96
N LYS A 302 15.47 -30.40 -19.14
CA LYS A 302 14.39 -30.77 -18.21
C LYS A 302 13.04 -30.31 -18.73
N ASN A 303 12.98 -30.00 -20.03
CA ASN A 303 11.74 -29.57 -20.68
C ASN A 303 11.14 -28.31 -20.02
N VAL A 304 12.01 -27.42 -19.57
CA VAL A 304 11.63 -26.10 -19.05
C VAL A 304 12.16 -25.07 -20.06
N ARG A 305 11.25 -24.31 -20.66
CA ARG A 305 11.55 -23.52 -21.87
C ARG A 305 11.47 -21.99 -21.66
N ILE A 306 11.37 -21.58 -20.40
CA ILE A 306 11.15 -20.16 -20.08
C ILE A 306 12.30 -19.24 -20.45
N TRP A 307 13.51 -19.79 -20.55
CA TRP A 307 14.68 -19.00 -20.94
C TRP A 307 15.10 -19.19 -22.39
N GLU A 308 14.41 -20.07 -23.11
CA GLU A 308 14.82 -20.47 -24.45
C GLU A 308 15.06 -19.28 -25.40
N LEU A 309 14.07 -18.39 -25.51
CA LEU A 309 14.12 -17.30 -26.47
C LEU A 309 15.30 -16.35 -26.19
N ASN A 310 15.63 -16.20 -24.92
CA ASN A 310 16.73 -15.33 -24.49
C ASN A 310 18.13 -15.91 -24.77
N GLY A 311 18.18 -17.19 -25.14
CA GLY A 311 19.43 -17.85 -25.45
C GLY A 311 19.68 -18.15 -26.93
N ARG A 312 18.72 -17.80 -27.78
CA ARG A 312 18.80 -18.16 -29.20
C ARG A 312 19.78 -17.28 -29.96
N ARG A 313 20.32 -17.83 -31.05
CA ARG A 313 21.26 -17.12 -31.94
C ARG A 313 20.83 -15.71 -32.31
N ASP A 314 19.61 -15.59 -32.85
CA ASP A 314 19.06 -14.31 -33.27
C ASP A 314 19.10 -13.30 -32.14
N PHE A 315 18.70 -13.73 -30.94
CA PHE A 315 18.67 -12.85 -29.79
C PHE A 315 20.06 -12.40 -29.38
N LEU A 316 21.00 -13.36 -29.30
CA LEU A 316 22.37 -13.07 -28.89
C LEU A 316 23.06 -12.15 -29.88
N ASP A 317 22.93 -12.47 -31.17
CA ASP A 317 23.51 -11.65 -32.24
C ASP A 317 23.04 -10.21 -32.20
N LYS A 318 21.72 -10.00 -32.12
CA LYS A 318 21.19 -8.62 -32.16
C LYS A 318 21.55 -7.81 -30.91
N ASN A 319 21.90 -8.49 -29.82
CA ASN A 319 22.45 -7.81 -28.65
C ASN A 319 23.98 -7.78 -28.69
N GLY A 320 24.54 -8.21 -29.82
CA GLY A 320 25.97 -8.09 -30.10
C GLY A 320 26.85 -9.22 -29.56
N PHE A 321 26.23 -10.28 -29.05
CA PHE A 321 26.98 -11.42 -28.51
C PHE A 321 27.18 -12.52 -29.56
N THR A 322 27.85 -12.15 -30.63
CA THR A 322 28.08 -13.03 -31.77
C THR A 322 29.04 -14.18 -31.46
N ASP A 323 29.89 -13.99 -30.46
CA ASP A 323 30.85 -15.03 -30.07
C ASP A 323 30.32 -15.96 -28.98
N ARG A 324 29.10 -15.69 -28.50
CA ARG A 324 28.51 -16.45 -27.42
C ARG A 324 27.79 -17.69 -27.96
N GLU A 325 28.03 -18.82 -27.32
CA GLU A 325 27.35 -20.08 -27.62
C GLU A 325 25.85 -19.93 -27.31
N GLU A 326 25.01 -20.59 -28.12
CA GLU A 326 23.56 -20.58 -27.90
C GLU A 326 23.23 -21.07 -26.50
N HIS A 327 22.29 -20.38 -25.88
CA HIS A 327 21.83 -20.65 -24.52
C HIS A 327 22.89 -20.36 -23.46
N ASP A 328 23.94 -19.66 -23.85
CA ASP A 328 24.83 -19.07 -22.86
C ASP A 328 24.22 -17.74 -22.45
N LEU A 329 23.60 -17.71 -21.29
CA LEU A 329 22.79 -16.58 -20.88
C LEU A 329 23.59 -15.44 -20.24
N GLY A 330 24.91 -15.57 -20.26
CA GLY A 330 25.80 -14.56 -19.67
C GLY A 330 25.70 -14.57 -18.16
N PRO A 331 26.30 -13.56 -17.50
CA PRO A 331 26.42 -13.55 -16.04
C PRO A 331 25.15 -13.08 -15.32
N ILE A 332 24.10 -13.88 -15.43
CA ILE A 332 22.81 -13.52 -14.84
C ILE A 332 22.69 -14.07 -13.42
N TYR A 333 21.45 -14.30 -12.95
CA TYR A 333 21.21 -14.56 -11.53
C TYR A 333 22.15 -15.58 -10.88
N GLY A 334 22.26 -16.78 -11.44
CA GLY A 334 23.11 -17.83 -10.84
C GLY A 334 24.53 -17.41 -10.57
N PHE A 335 25.12 -16.75 -11.56
CA PHE A 335 26.48 -16.25 -11.48
C PHE A 335 26.61 -15.16 -10.43
N GLN A 336 25.66 -14.22 -10.38
CA GLN A 336 25.76 -13.11 -9.42
C GLN A 336 25.52 -13.59 -8.01
N TRP A 337 24.61 -14.57 -7.86
CA TRP A 337 24.27 -15.08 -6.52
C TRP A 337 25.45 -15.81 -5.91
N ARG A 338 26.21 -16.52 -6.75
CA ARG A 338 27.30 -17.37 -6.25
C ARG A 338 28.72 -16.86 -6.52
N HIS A 339 28.88 -15.93 -7.47
CA HIS A 339 30.20 -15.54 -7.97
C HIS A 339 30.34 -14.04 -8.27
N PHE A 340 29.61 -13.19 -7.53
CA PHE A 340 29.61 -11.74 -7.79
C PHE A 340 31.04 -11.20 -7.87
N GLY A 341 31.36 -10.51 -8.96
CA GLY A 341 32.67 -9.88 -9.13
C GLY A 341 33.71 -10.75 -9.82
N ALA A 342 33.41 -12.04 -10.03
CA ALA A 342 34.32 -12.89 -10.81
C ALA A 342 34.28 -12.48 -12.28
N GLU A 343 35.31 -12.84 -13.02
CA GLU A 343 35.33 -12.57 -14.46
C GLU A 343 34.50 -13.64 -15.17
N TYR A 344 33.43 -13.22 -15.84
CA TYR A 344 32.61 -14.16 -16.59
C TYR A 344 33.34 -14.57 -17.86
N LEU A 345 33.35 -15.86 -18.13
CA LEU A 345 34.00 -16.37 -19.32
C LEU A 345 32.90 -16.89 -20.25
N ASP A 346 32.39 -18.07 -19.93
CA ASP A 346 31.25 -18.63 -20.62
C ASP A 346 30.57 -19.57 -19.65
N MET A 347 29.51 -20.24 -20.09
CA MET A 347 28.68 -21.05 -19.18
C MET A 347 29.37 -22.35 -18.76
N HIS A 348 30.53 -22.65 -19.34
CA HIS A 348 31.20 -23.93 -19.12
C HIS A 348 32.33 -23.85 -18.08
N ALA A 349 32.78 -22.65 -17.76
CA ALA A 349 33.94 -22.47 -16.85
C ALA A 349 33.62 -22.93 -15.43
N ASP A 350 34.66 -23.31 -14.70
CA ASP A 350 34.50 -23.66 -13.29
C ASP A 350 34.81 -22.39 -12.51
N TYR A 351 33.81 -21.87 -11.79
CA TYR A 351 34.00 -20.60 -11.06
C TYR A 351 34.21 -20.82 -9.56
N THR A 352 34.49 -22.07 -9.18
CA THR A 352 34.72 -22.45 -7.76
C THR A 352 35.70 -21.50 -7.08
N GLY A 353 35.29 -20.92 -5.96
CA GLY A 353 36.12 -19.99 -5.18
C GLY A 353 36.46 -18.68 -5.86
N LYS A 354 35.72 -18.33 -6.90
CA LYS A 354 35.88 -17.05 -7.59
C LYS A 354 34.65 -16.17 -7.35
N GLY A 355 34.89 -14.86 -7.21
CA GLY A 355 33.85 -13.89 -6.91
C GLY A 355 33.31 -14.09 -5.50
N ILE A 356 32.29 -13.31 -5.15
CA ILE A 356 31.70 -13.34 -3.80
C ILE A 356 30.43 -14.19 -3.82
N ASP A 357 30.40 -15.22 -2.97
CA ASP A 357 29.24 -16.10 -2.86
C ASP A 357 28.18 -15.44 -1.96
N GLN A 358 27.39 -14.56 -2.56
CA GLN A 358 26.38 -13.80 -1.81
C GLN A 358 25.36 -14.71 -1.10
N LEU A 359 24.99 -15.81 -1.74
CA LEU A 359 23.99 -16.71 -1.14
C LEU A 359 24.55 -17.40 0.10
N ALA A 360 25.78 -17.90 0.00
CA ALA A 360 26.37 -18.58 1.14
C ALA A 360 26.59 -17.61 2.30
N GLU A 361 27.10 -16.43 1.97
CA GLU A 361 27.40 -15.43 2.99
C GLU A 361 26.16 -14.93 3.69
N ILE A 362 25.07 -14.70 2.94
CA ILE A 362 23.86 -14.21 3.61
C ILE A 362 23.29 -15.27 4.59
N ILE A 363 23.42 -16.54 4.24
CA ILE A 363 22.92 -17.61 5.10
C ILE A 363 23.77 -17.68 6.37
N ASN A 364 25.10 -17.62 6.20
CA ASN A 364 26.01 -17.59 7.36
C ASN A 364 25.77 -16.38 8.26
N ARG A 365 25.57 -15.21 7.63
CA ARG A 365 25.30 -13.99 8.37
C ARG A 365 24.02 -14.10 9.18
N ILE A 366 22.97 -14.67 8.59
CA ILE A 366 21.71 -14.85 9.29
C ILE A 366 21.90 -15.72 10.53
N LYS A 367 22.68 -16.80 10.40
CA LYS A 367 22.93 -17.71 11.53
C LYS A 367 23.76 -17.03 12.63
N THR A 368 24.76 -16.26 12.22
CA THR A 368 25.68 -15.61 13.14
C THR A 368 25.05 -14.39 13.78
N ASN A 369 24.36 -13.58 12.98
CA ASN A 369 23.77 -12.36 13.49
C ASN A 369 22.55 -11.99 12.65
N PRO A 370 21.35 -12.33 13.16
CA PRO A 370 20.06 -12.10 12.47
C PRO A 370 19.78 -10.62 12.23
N ASN A 371 20.53 -9.75 12.91
CA ASN A 371 20.41 -8.30 12.74
C ASN A 371 21.54 -7.67 11.91
N ASP A 372 22.27 -8.48 11.15
CA ASP A 372 23.36 -8.02 10.28
C ASP A 372 22.89 -6.91 9.33
N ARG A 373 23.79 -5.98 8.99
CA ARG A 373 23.43 -4.81 8.16
C ARG A 373 23.63 -5.10 6.67
N ARG A 374 24.06 -6.31 6.34
CA ARG A 374 24.42 -6.63 4.98
C ARG A 374 23.57 -7.76 4.39
N LEU A 375 22.32 -7.90 4.84
CA LEU A 375 21.51 -9.04 4.42
C LEU A 375 20.87 -8.80 3.06
N ILE A 376 21.73 -8.60 2.08
CA ILE A 376 21.30 -8.32 0.72
C ILE A 376 22.00 -9.28 -0.26
N VAL A 377 21.26 -9.70 -1.27
CA VAL A 377 21.84 -10.36 -2.44
C VAL A 377 21.52 -9.46 -3.63
N CYS A 378 22.55 -8.96 -4.27
CA CYS A 378 22.36 -8.00 -5.36
C CYS A 378 22.78 -8.62 -6.68
N SER A 379 21.87 -8.63 -7.66
CA SER A 379 22.23 -9.18 -8.98
C SER A 379 22.50 -8.11 -10.02
N TRP A 380 22.33 -6.86 -9.62
CA TRP A 380 22.67 -5.71 -10.48
C TRP A 380 24.14 -5.39 -10.31
N ASN A 381 24.97 -6.12 -11.04
CA ASN A 381 26.40 -5.87 -11.06
C ASN A 381 26.66 -4.91 -12.20
N VAL A 382 26.81 -3.64 -11.84
CA VAL A 382 26.94 -2.55 -12.82
C VAL A 382 28.10 -2.81 -13.80
N SER A 383 29.19 -3.39 -13.30
CA SER A 383 30.37 -3.66 -14.14
C SER A 383 30.10 -4.78 -15.14
N ASP A 384 29.11 -5.62 -14.84
CA ASP A 384 28.76 -6.78 -15.67
C ASP A 384 27.66 -6.50 -16.70
N LEU A 385 27.06 -5.31 -16.65
CA LEU A 385 25.99 -4.96 -17.59
C LEU A 385 26.43 -5.08 -19.05
N LYS A 386 27.65 -4.66 -19.37
CA LYS A 386 28.10 -4.79 -20.77
C LYS A 386 28.29 -6.24 -21.25
N LYS A 387 28.22 -7.20 -20.30
CA LYS A 387 28.43 -8.62 -20.64
C LYS A 387 27.12 -9.40 -20.73
N MET A 388 26.01 -8.69 -20.55
CA MET A 388 24.69 -9.32 -20.48
C MET A 388 23.84 -8.86 -21.66
N ALA A 389 23.15 -9.78 -22.31
CA ALA A 389 22.21 -9.41 -23.37
C ALA A 389 20.91 -8.92 -22.74
N LEU A 390 20.53 -9.55 -21.63
CA LEU A 390 19.41 -9.14 -20.83
C LEU A 390 19.83 -9.06 -19.35
N PRO A 391 19.79 -7.86 -18.76
CA PRO A 391 20.16 -7.69 -17.35
C PRO A 391 19.08 -8.26 -16.40
N PRO A 392 19.46 -8.66 -15.18
CA PRO A 392 18.51 -9.26 -14.19
C PRO A 392 17.32 -8.36 -13.97
N CYS A 393 16.12 -8.94 -13.95
CA CYS A 393 14.88 -8.21 -13.69
C CYS A 393 14.56 -8.22 -12.22
N HIS A 394 14.57 -9.39 -11.57
CA HIS A 394 14.53 -9.42 -10.11
C HIS A 394 15.96 -9.20 -9.60
N CYS A 395 16.32 -7.94 -9.42
CA CYS A 395 17.72 -7.60 -9.38
C CYS A 395 18.31 -7.33 -8.04
N PHE A 396 17.48 -7.35 -6.99
CA PHE A 396 17.96 -6.97 -5.66
C PHE A 396 16.97 -7.60 -4.65
N PHE A 397 17.46 -8.32 -3.64
CA PHE A 397 16.59 -8.71 -2.54
C PHE A 397 17.27 -8.68 -1.20
N GLN A 398 16.46 -8.59 -0.15
CA GLN A 398 16.96 -8.34 1.18
C GLN A 398 16.24 -9.28 2.12
N PHE A 399 16.97 -9.90 3.05
CA PHE A 399 16.35 -10.71 4.09
C PHE A 399 16.29 -9.91 5.39
N TYR A 400 15.36 -10.30 6.26
CA TYR A 400 15.16 -9.61 7.52
C TYR A 400 14.64 -10.64 8.51
N VAL A 401 15.13 -10.59 9.74
CA VAL A 401 14.62 -11.47 10.81
C VAL A 401 13.97 -10.65 11.92
N SER A 402 12.77 -11.04 12.32
CA SER A 402 12.27 -10.58 13.61
C SER A 402 11.43 -11.66 14.26
N ASP A 403 11.53 -11.75 15.57
CA ASP A 403 10.79 -12.76 16.32
C ASP A 403 11.04 -14.16 15.72
N ASN A 404 12.32 -14.43 15.42
CA ASN A 404 12.80 -15.67 14.82
CA ASN A 404 12.74 -15.73 14.89
C ASN A 404 12.04 -16.14 13.57
N LYS A 405 11.54 -15.15 12.82
CA LYS A 405 10.87 -15.38 11.53
C LYS A 405 11.58 -14.63 10.40
N LEU A 406 11.78 -15.32 9.29
CA LEU A 406 12.46 -14.73 8.14
C LEU A 406 11.49 -14.08 7.14
N SER A 407 11.79 -12.83 6.78
CA SER A 407 11.08 -12.13 5.70
C SER A 407 12.05 -11.77 4.58
N CYS A 408 11.51 -11.42 3.42
CA CYS A 408 12.29 -11.11 2.23
C CYS A 408 11.60 -9.99 1.46
N MET A 409 12.38 -9.02 0.98
CA MET A 409 11.83 -7.99 0.11
C MET A 409 12.65 -8.00 -1.17
N MET A 410 11.95 -8.01 -2.31
CA MET A 410 12.65 -8.04 -3.60
C MET A 410 12.22 -6.86 -4.49
N HIS A 411 13.20 -6.27 -5.17
CA HIS A 411 12.99 -5.18 -6.12
C HIS A 411 12.98 -5.75 -7.53
N GLN A 412 11.85 -5.65 -8.21
CA GLN A 412 11.78 -6.12 -9.61
C GLN A 412 11.69 -4.93 -10.56
N ARG A 413 12.76 -4.70 -11.31
CA ARG A 413 12.85 -3.54 -12.19
C ARG A 413 11.86 -3.55 -13.34
N SER A 414 11.56 -4.74 -13.84
CA SER A 414 10.77 -4.94 -15.05
C SER A 414 9.92 -6.16 -14.78
N CYS A 415 8.60 -6.02 -14.90
CA CYS A 415 7.67 -7.06 -14.44
C CYS A 415 6.68 -7.40 -15.54
N ASP A 416 6.90 -8.54 -16.21
CA ASP A 416 5.95 -9.09 -17.17
C ASP A 416 4.81 -9.64 -16.29
N LEU A 417 3.74 -8.87 -16.16
CA LEU A 417 2.70 -9.24 -15.19
C LEU A 417 1.98 -10.52 -15.53
N GLY A 418 1.74 -10.74 -16.83
CA GLY A 418 1.01 -11.94 -17.26
C GLY A 418 1.79 -13.22 -16.99
N LEU A 419 3.02 -13.26 -17.50
CA LEU A 419 3.79 -14.47 -17.45
C LEU A 419 4.83 -14.54 -16.36
N GLY A 420 5.51 -13.43 -16.09
CA GLY A 420 6.69 -13.47 -15.22
C GLY A 420 6.38 -13.35 -13.74
N VAL A 421 5.52 -12.40 -13.37
CA VAL A 421 5.24 -12.10 -11.96
C VAL A 421 4.71 -13.32 -11.14
N PRO A 422 3.82 -14.15 -11.74
CA PRO A 422 3.40 -15.35 -10.96
C PRO A 422 4.57 -16.26 -10.60
N PHE A 423 5.54 -16.36 -11.51
CA PHE A 423 6.78 -17.13 -11.24
C PHE A 423 7.57 -16.46 -10.13
N ASN A 424 7.76 -15.14 -10.21
CA ASN A 424 8.57 -14.44 -9.18
C ASN A 424 8.00 -14.61 -7.77
N ILE A 425 6.68 -14.45 -7.66
CA ILE A 425 6.02 -14.61 -6.37
C ILE A 425 6.32 -15.98 -5.73
N ALA A 426 6.09 -17.03 -6.50
CA ALA A 426 6.34 -18.40 -6.03
C ALA A 426 7.82 -18.64 -5.77
N SER A 427 8.68 -18.19 -6.69
CA SER A 427 10.13 -18.46 -6.63
C SER A 427 10.74 -17.91 -5.34
N TYR A 428 10.49 -16.63 -5.06
CA TYR A 428 11.01 -16.01 -3.83
C TYR A 428 10.40 -16.59 -2.56
N SER A 429 9.13 -16.97 -2.62
CA SER A 429 8.50 -17.63 -1.46
C SER A 429 9.17 -18.96 -1.17
N ILE A 430 9.52 -19.72 -2.21
CA ILE A 430 10.29 -20.96 -1.97
C ILE A 430 11.67 -20.68 -1.41
N LEU A 431 12.37 -19.73 -2.01
CA LEU A 431 13.71 -19.38 -1.56
C LEU A 431 13.72 -18.94 -0.08
N THR A 432 12.73 -18.12 0.30
CA THR A 432 12.61 -17.68 1.68
C THR A 432 12.37 -18.86 2.64
N ALA A 433 11.47 -19.76 2.26
CA ALA A 433 11.23 -21.00 3.04
C ALA A 433 12.49 -21.86 3.19
N MET A 434 13.28 -21.98 2.11
CA MET A 434 14.54 -22.75 2.14
C MET A 434 15.57 -22.14 3.09
N VAL A 435 15.77 -20.83 2.96
CA VAL A 435 16.71 -20.11 3.81
C VAL A 435 16.24 -20.17 5.27
N ALA A 436 14.94 -19.97 5.49
CA ALA A 436 14.39 -20.08 6.84
C ALA A 436 14.66 -21.47 7.41
N GLN A 437 14.40 -22.52 6.62
CA GLN A 437 14.69 -23.87 7.10
C GLN A 437 16.16 -24.09 7.47
N VAL A 438 17.08 -23.69 6.59
CA VAL A 438 18.49 -23.95 6.85
C VAL A 438 19.06 -23.11 8.01
N CYS A 439 18.39 -21.99 8.32
CA CYS A 439 18.78 -21.14 9.46
C CYS A 439 18.00 -21.43 10.74
N GLY A 440 17.12 -22.43 10.72
CA GLY A 440 16.31 -22.77 11.88
C GLY A 440 15.28 -21.72 12.26
N LEU A 441 14.76 -20.99 11.27
CA LEU A 441 13.81 -19.91 11.52
C LEU A 441 12.41 -20.28 11.03
N GLY A 442 11.41 -19.62 11.60
CA GLY A 442 10.03 -19.71 11.12
C GLY A 442 9.86 -18.77 9.94
N LEU A 443 8.64 -18.65 9.45
CA LEU A 443 8.41 -17.84 8.24
C LEU A 443 7.65 -16.55 8.50
N GLY A 444 8.16 -15.46 7.89
CA GLY A 444 7.48 -14.19 7.92
C GLY A 444 6.80 -13.92 6.58
N GLU A 445 7.16 -12.82 5.93
CA GLU A 445 6.48 -12.38 4.72
C GLU A 445 7.42 -12.24 3.53
N PHE A 446 6.88 -12.47 2.34
CA PHE A 446 7.58 -12.03 1.15
C PHE A 446 6.92 -10.73 0.67
N VAL A 447 7.73 -9.69 0.54
CA VAL A 447 7.28 -8.37 0.08
C VAL A 447 7.87 -8.10 -1.29
N HIS A 448 7.00 -7.91 -2.26
CA HIS A 448 7.42 -7.88 -3.66
C HIS A 448 7.20 -6.46 -4.15
N ASN A 449 8.27 -5.77 -4.53
CA ASN A 449 8.19 -4.41 -5.06
C ASN A 449 8.28 -4.42 -6.56
N LEU A 450 7.27 -3.87 -7.23
CA LEU A 450 7.27 -3.83 -8.69
C LEU A 450 7.56 -2.42 -9.15
N ALA A 451 8.52 -2.26 -10.05
CA ALA A 451 8.80 -0.95 -10.64
C ALA A 451 8.00 -0.78 -11.93
N ASP A 452 8.61 -1.02 -13.09
CA ASP A 452 7.87 -1.02 -14.36
C ASP A 452 7.06 -2.32 -14.49
N ALA A 453 5.78 -2.24 -14.17
CA ALA A 453 4.87 -3.41 -14.24
C ALA A 453 4.04 -3.28 -15.51
N HIS A 454 4.06 -4.30 -16.36
CA HIS A 454 3.44 -4.19 -17.68
C HIS A 454 2.76 -5.49 -18.14
N ILE A 455 1.76 -5.31 -19.00
CA ILE A 455 1.02 -6.42 -19.60
C ILE A 455 1.27 -6.31 -21.10
N TYR A 456 1.95 -7.30 -21.66
CA TYR A 456 2.07 -7.35 -23.12
C TYR A 456 0.72 -7.33 -23.82
N VAL A 457 0.65 -6.66 -24.96
CA VAL A 457 -0.61 -6.50 -25.70
C VAL A 457 -1.25 -7.88 -26.01
N ASP A 458 -0.44 -8.87 -26.37
CA ASP A 458 -0.99 -10.19 -26.68
C ASP A 458 -1.35 -11.06 -25.46
N HIS A 459 -1.23 -10.50 -24.25
CA HIS A 459 -1.73 -11.14 -23.03
C HIS A 459 -3.01 -10.46 -22.52
N VAL A 460 -3.44 -9.39 -23.17
CA VAL A 460 -4.57 -8.62 -22.64
C VAL A 460 -5.84 -9.48 -22.48
N ASP A 461 -6.20 -10.20 -23.53
CA ASP A 461 -7.40 -11.04 -23.45
C ASP A 461 -7.30 -12.14 -22.37
N ALA A 462 -6.14 -12.79 -22.32
CA ALA A 462 -5.82 -13.80 -21.32
C ALA A 462 -5.94 -13.26 -19.89
N VAL A 463 -5.38 -12.08 -19.63
CA VAL A 463 -5.53 -11.56 -18.26
C VAL A 463 -6.93 -11.02 -17.97
N THR A 464 -7.64 -10.55 -19.01
CA THR A 464 -9.06 -10.16 -18.85
C THR A 464 -9.87 -11.38 -18.36
N THR A 465 -9.67 -12.53 -19.01
CA THR A 465 -10.27 -13.80 -18.57
C THR A 465 -9.89 -14.13 -17.12
N GLN A 466 -8.61 -13.97 -16.83
CA GLN A 466 -8.08 -14.29 -15.51
C GLN A 466 -8.70 -13.51 -14.34
N ILE A 467 -8.85 -12.19 -14.49
CA ILE A 467 -9.30 -11.35 -13.37
C ILE A 467 -10.77 -11.53 -13.02
N ALA A 468 -11.58 -12.11 -13.91
CA ALA A 468 -12.97 -12.52 -13.61
C ALA A 468 -13.10 -13.82 -12.79
N ARG A 469 -12.00 -14.55 -12.60
CA ARG A 469 -12.05 -15.85 -11.88
C ARG A 469 -11.89 -15.69 -10.38
N ILE A 470 -12.75 -16.39 -9.62
CA ILE A 470 -12.72 -16.34 -8.17
C ILE A 470 -11.54 -17.17 -7.64
N PRO A 471 -10.60 -16.56 -6.91
CA PRO A 471 -9.49 -17.37 -6.40
C PRO A 471 -9.96 -18.53 -5.47
N HIS A 472 -9.28 -19.68 -5.57
CA HIS A 472 -9.39 -20.77 -4.62
C HIS A 472 -8.46 -20.46 -3.45
N PRO A 473 -8.63 -21.11 -2.27
CA PRO A 473 -7.62 -20.93 -1.23
C PRO A 473 -6.24 -21.27 -1.81
N PHE A 474 -5.21 -20.50 -1.45
CA PHE A 474 -3.83 -20.85 -1.77
C PHE A 474 -3.45 -22.25 -1.24
N PRO A 475 -2.47 -22.92 -1.92
CA PRO A 475 -1.99 -24.19 -1.41
C PRO A 475 -1.02 -23.99 -0.23
N ARG A 476 -0.30 -25.02 0.15
CA ARG A 476 0.70 -24.89 1.20
C ARG A 476 1.97 -25.60 0.80
N LEU A 477 3.09 -25.08 1.30
CA LEU A 477 4.41 -25.58 0.94
C LEU A 477 5.00 -26.40 2.08
N ARG A 478 5.52 -27.59 1.76
CA ARG A 478 6.18 -28.48 2.70
C ARG A 478 7.56 -28.83 2.15
N LEU A 479 8.61 -28.39 2.84
CA LEU A 479 9.95 -28.78 2.43
C LEU A 479 10.35 -30.03 3.20
N ASN A 480 11.15 -30.89 2.58
CA ASN A 480 11.79 -32.01 3.29
C ASN A 480 12.61 -31.49 4.49
N PRO A 481 12.14 -31.77 5.73
CA PRO A 481 12.83 -31.22 6.90
C PRO A 481 14.27 -31.73 7.11
N ASP A 482 14.68 -32.81 6.41
CA ASP A 482 16.05 -33.32 6.56
C ASP A 482 17.12 -32.46 5.91
N ILE A 483 16.72 -31.58 4.99
CA ILE A 483 17.67 -30.80 4.24
C ILE A 483 18.24 -29.66 5.11
N ARG A 484 19.56 -29.62 5.24
CA ARG A 484 20.21 -28.68 6.15
C ARG A 484 21.06 -27.68 5.42
N ASN A 485 21.35 -27.94 4.15
CA ASN A 485 22.14 -27.04 3.31
C ASN A 485 21.37 -26.66 2.04
N ILE A 486 21.32 -25.38 1.69
CA ILE A 486 20.49 -24.94 0.57
C ILE A 486 20.85 -25.63 -0.76
N GLU A 487 22.11 -26.01 -0.91
CA GLU A 487 22.54 -26.67 -2.13
C GLU A 487 22.02 -28.11 -2.24
N ASP A 488 21.52 -28.66 -1.14
CA ASP A 488 21.03 -30.04 -1.09
C ASP A 488 19.56 -30.22 -1.47
N PHE A 489 18.80 -29.12 -1.59
CA PHE A 489 17.39 -29.23 -2.04
C PHE A 489 17.33 -29.77 -3.48
N THR A 490 16.50 -30.78 -3.70
CA THR A 490 16.18 -31.23 -5.06
C THR A 490 14.70 -31.00 -5.29
N ILE A 491 14.21 -31.19 -6.52
CA ILE A 491 12.78 -31.01 -6.78
C ILE A 491 11.88 -31.89 -5.88
N ASP A 492 12.33 -33.10 -5.54
CA ASP A 492 11.58 -34.00 -4.66
C ASP A 492 11.45 -33.50 -3.22
N ASP A 493 12.31 -32.55 -2.84
CA ASP A 493 12.29 -31.98 -1.49
C ASP A 493 11.34 -30.82 -1.33
N ILE A 494 10.73 -30.37 -2.43
CA ILE A 494 9.95 -29.13 -2.45
C ILE A 494 8.54 -29.49 -2.89
N VAL A 495 7.64 -29.64 -1.93
CA VAL A 495 6.31 -30.18 -2.22
C VAL A 495 5.18 -29.18 -1.92
N VAL A 496 4.32 -28.95 -2.91
CA VAL A 496 3.16 -28.08 -2.74
C VAL A 496 1.92 -28.96 -2.60
N GLU A 497 1.21 -28.78 -1.50
CA GLU A 497 0.03 -29.61 -1.19
C GLU A 497 -1.25 -28.81 -1.38
N ASP A 498 -2.33 -29.49 -1.78
CA ASP A 498 -3.68 -28.90 -1.82
C ASP A 498 -3.78 -27.75 -2.81
N TYR A 499 -3.13 -27.90 -3.95
CA TYR A 499 -3.23 -26.85 -4.99
C TYR A 499 -4.48 -27.09 -5.80
N VAL A 500 -5.41 -26.16 -5.69
CA VAL A 500 -6.64 -26.17 -6.48
C VAL A 500 -6.57 -24.93 -7.37
N SER A 501 -6.66 -25.11 -8.68
CA SER A 501 -6.61 -23.94 -9.58
C SER A 501 -7.65 -24.01 -10.66
N HIS A 502 -7.93 -22.85 -11.24
CA HIS A 502 -8.64 -22.75 -12.50
C HIS A 502 -7.73 -23.26 -13.63
N PRO A 503 -8.28 -23.41 -14.85
CA PRO A 503 -7.44 -23.99 -15.89
C PRO A 503 -6.27 -23.09 -16.31
N PRO A 504 -5.22 -23.68 -16.92
CA PRO A 504 -4.15 -22.84 -17.45
C PRO A 504 -4.66 -21.88 -18.54
N ILE A 505 -3.96 -20.75 -18.68
CA ILE A 505 -4.31 -19.74 -19.66
C ILE A 505 -3.07 -19.53 -20.53
N PRO A 506 -3.13 -19.94 -21.80
CA PRO A 506 -1.97 -19.76 -22.68
C PRO A 506 -1.56 -18.28 -22.79
N MET A 507 -0.27 -18.02 -22.59
CA MET A 507 0.30 -16.70 -22.80
C MET A 507 1.66 -16.86 -23.50
N ALA A 508 1.83 -16.20 -24.63
CA ALA A 508 3.05 -16.36 -25.42
C ALA A 508 4.17 -15.48 -24.85
N MET A 509 5.40 -15.97 -24.92
CA MET A 509 6.51 -15.18 -24.38
C MET A 509 7.07 -14.23 -25.43
N SER A 510 7.42 -13.02 -25.00
CA SER A 510 8.06 -12.02 -25.85
C SER A 510 9.53 -11.92 -25.44
N ALA A 511 10.41 -11.69 -26.41
CA ALA A 511 11.84 -11.53 -26.15
C ALA A 511 12.48 -10.54 -27.11
N TYR B 5 -31.74 32.41 18.80
CA TYR B 5 -31.31 31.69 17.57
C TYR B 5 -31.95 30.29 17.45
N GLU B 6 -33.19 30.17 17.93
CA GLU B 6 -33.93 28.91 17.85
C GLU B 6 -34.19 28.50 16.39
N GLY B 7 -33.79 27.27 16.06
CA GLY B 7 -33.94 26.75 14.71
C GLY B 7 -32.89 27.23 13.71
N CYS B 8 -31.93 28.03 14.17
CA CYS B 8 -30.90 28.60 13.27
C CYS B 8 -29.54 27.87 13.29
N GLY B 9 -29.52 26.65 13.81
CA GLY B 9 -28.29 25.86 13.86
C GLY B 9 -27.97 25.15 12.55
N ASP B 10 -26.88 24.39 12.54
CA ASP B 10 -26.47 23.58 11.38
C ASP B 10 -26.22 24.43 10.12
N LEU B 11 -25.50 25.54 10.29
CA LEU B 11 -25.05 26.35 9.15
C LEU B 11 -23.64 25.92 8.77
N THR B 12 -23.38 25.82 7.46
CA THR B 12 -22.10 25.32 6.96
C THR B 12 -21.33 26.43 6.27
N ILE B 13 -20.09 26.64 6.72
CA ILE B 13 -19.23 27.69 6.17
C ILE B 13 -18.33 27.15 5.05
N PHE B 14 -18.21 27.94 3.97
CA PHE B 14 -17.12 27.78 3.01
C PHE B 14 -16.26 29.05 3.05
N VAL B 15 -14.95 28.87 3.14
CA VAL B 15 -14.02 30.01 3.24
C VAL B 15 -12.61 29.63 2.76
N ALA B 16 -11.89 30.59 2.15
CA ALA B 16 -10.46 30.41 1.84
C ALA B 16 -9.62 31.42 2.63
N VAL B 17 -8.56 30.95 3.29
CA VAL B 17 -7.88 31.73 4.33
C VAL B 17 -6.37 31.66 4.16
N ALA B 18 -5.75 32.84 4.06
CA ALA B 18 -4.29 32.97 4.03
C ALA B 18 -3.66 32.63 5.39
N LEU B 19 -2.35 32.43 5.41
CA LEU B 19 -1.63 32.01 6.62
C LEU B 19 -1.77 32.99 7.80
N ASN B 20 -1.85 34.29 7.50
CA ASN B 20 -2.06 35.31 8.51
C ASN B 20 -3.56 35.56 8.80
N LYS B 21 -4.42 34.62 8.39
CA LYS B 21 -5.87 34.67 8.62
C LYS B 21 -6.67 35.67 7.78
N VAL B 22 -5.98 36.35 6.85
CA VAL B 22 -6.62 37.33 5.98
C VAL B 22 -7.52 36.59 4.97
N ILE B 23 -8.72 37.14 4.74
CA ILE B 23 -9.64 36.61 3.73
C ILE B 23 -10.01 37.67 2.69
N GLY B 24 -9.81 38.94 3.03
CA GLY B 24 -10.14 40.03 2.13
C GLY B 24 -9.25 41.25 2.21
N HIS B 25 -9.19 41.99 1.11
CA HIS B 25 -8.34 43.17 0.95
C HIS B 25 -9.04 44.12 -0.01
N LYS B 26 -9.42 45.29 0.51
CA LYS B 26 -10.13 46.33 -0.24
C LYS B 26 -11.34 45.76 -0.97
N ASN B 27 -12.11 44.95 -0.25
CA ASN B 27 -13.32 44.29 -0.76
C ASN B 27 -13.06 43.31 -1.92
N GLN B 28 -11.85 42.77 -2.00
CA GLN B 28 -11.52 41.80 -3.03
C GLN B 28 -10.72 40.65 -2.40
N ILE B 29 -10.64 39.54 -3.13
CA ILE B 29 -9.76 38.44 -2.78
C ILE B 29 -8.31 38.91 -2.83
N PRO B 30 -7.56 38.68 -1.73
CA PRO B 30 -6.21 39.23 -1.60
C PRO B 30 -5.18 38.57 -2.51
N TRP B 31 -5.45 37.33 -2.94
CA TRP B 31 -4.50 36.55 -3.76
C TRP B 31 -5.02 36.39 -5.19
N PRO B 32 -4.11 36.09 -6.14
CA PRO B 32 -4.60 35.78 -7.49
C PRO B 32 -5.59 34.61 -7.44
N HIS B 33 -6.47 34.57 -8.43
CA HIS B 33 -7.54 33.58 -8.53
C HIS B 33 -6.99 32.15 -8.56
N ILE B 34 -7.60 31.30 -7.74
CA ILE B 34 -7.27 29.88 -7.70
C ILE B 34 -8.50 29.17 -8.24
N THR B 35 -8.46 28.85 -9.53
CA THR B 35 -9.60 28.22 -10.20
C THR B 35 -10.06 26.94 -9.51
N HIS B 36 -9.10 26.18 -9.00
CA HIS B 36 -9.37 24.93 -8.29
C HIS B 36 -10.29 25.20 -7.08
N ASP B 37 -10.07 26.31 -6.39
CA ASP B 37 -10.90 26.65 -5.20
C ASP B 37 -12.30 27.11 -5.61
N PHE B 38 -12.41 27.84 -6.73
CA PHE B 38 -13.72 28.18 -7.27
C PHE B 38 -14.52 26.91 -7.53
N ARG B 39 -13.91 25.93 -8.20
CA ARG B 39 -14.57 24.66 -8.55
C ARG B 39 -14.94 23.85 -7.32
N PHE B 40 -14.05 23.87 -6.32
CA PHE B 40 -14.27 23.16 -5.04
C PHE B 40 -15.53 23.70 -4.35
N LEU B 41 -15.58 25.02 -4.21
CA LEU B 41 -16.71 25.72 -3.62
C LEU B 41 -18.00 25.45 -4.39
N ARG B 42 -17.92 25.53 -5.72
CA ARG B 42 -19.07 25.27 -6.58
C ARG B 42 -19.61 23.86 -6.35
N ASN B 43 -18.70 22.87 -6.32
CA ASN B 43 -19.05 21.48 -6.06
C ASN B 43 -19.62 21.26 -4.67
N GLY B 44 -18.99 21.85 -3.66
CA GLY B 44 -19.43 21.69 -2.28
C GLY B 44 -20.83 22.25 -2.02
N THR B 45 -21.14 23.37 -2.68
CA THR B 45 -22.41 24.09 -2.44
C THR B 45 -23.51 23.79 -3.47
N THR B 46 -23.29 22.86 -4.39
CA THR B 46 -24.34 22.49 -5.35
C THR B 46 -24.80 21.06 -5.19
N TYR B 47 -24.10 20.30 -4.34
CA TYR B 47 -24.44 18.90 -4.12
C TYR B 47 -25.76 18.70 -3.38
N ILE B 48 -26.59 17.85 -3.95
CA ILE B 48 -27.84 17.42 -3.32
C ILE B 48 -27.77 15.89 -3.19
N PRO B 49 -28.00 15.35 -1.98
CA PRO B 49 -28.00 13.90 -1.82
C PRO B 49 -29.05 13.22 -2.69
N PRO B 50 -28.61 12.28 -3.57
CA PRO B 50 -29.44 11.61 -4.59
C PRO B 50 -30.90 11.35 -4.21
N GLU B 51 -31.13 10.82 -3.00
CA GLU B 51 -32.49 10.46 -2.55
C GLU B 51 -33.38 11.68 -2.26
N VAL B 52 -32.78 12.79 -1.91
CA VAL B 52 -33.43 14.06 -1.92
C VAL B 52 -33.69 14.57 -3.31
N LEU B 53 -32.70 14.50 -4.18
CA LEU B 53 -32.96 14.97 -5.52
C LEU B 53 -33.99 14.14 -6.29
N SER B 54 -34.07 12.86 -5.98
CA SER B 54 -34.92 11.95 -6.75
C SER B 54 -36.42 12.13 -6.49
N LYS B 55 -36.77 12.74 -5.36
CA LYS B 55 -38.18 13.01 -5.06
C LYS B 55 -38.64 14.42 -5.48
N ASN B 56 -37.70 15.34 -5.64
CA ASN B 56 -37.94 16.61 -6.32
C ASN B 56 -36.66 17.18 -6.93
N PRO B 57 -36.47 16.98 -8.26
CA PRO B 57 -35.25 17.39 -8.97
C PRO B 57 -35.07 18.91 -9.00
N ASP B 58 -36.05 19.64 -8.49
CA ASP B 58 -35.99 21.09 -8.41
C ASP B 58 -35.13 21.61 -7.25
N ILE B 59 -35.05 20.83 -6.17
CA ILE B 59 -34.49 21.29 -4.90
C ILE B 59 -33.05 21.84 -5.02
N GLN B 60 -32.83 22.96 -4.33
CA GLN B 60 -31.57 23.70 -4.43
C GLN B 60 -31.04 24.07 -3.06
N ASN B 61 -29.72 24.30 -2.99
CA ASN B 61 -29.05 24.76 -1.79
C ASN B 61 -29.14 26.27 -1.65
N VAL B 62 -29.09 26.74 -0.40
CA VAL B 62 -29.03 28.17 -0.11
C VAL B 62 -27.57 28.63 0.10
N VAL B 63 -27.24 29.78 -0.46
CA VAL B 63 -25.95 30.42 -0.30
C VAL B 63 -26.12 31.85 0.22
N ILE B 64 -25.52 32.14 1.36
CA ILE B 64 -25.74 33.40 2.10
C ILE B 64 -24.48 34.28 2.16
N PHE B 65 -24.64 35.57 1.88
CA PHE B 65 -23.54 36.55 1.92
C PHE B 65 -23.87 37.75 2.82
N GLY B 66 -22.82 38.39 3.34
CA GLY B 66 -22.92 39.78 3.83
C GLY B 66 -23.01 40.72 2.64
N ARG B 67 -23.40 41.97 2.88
CA ARG B 67 -23.58 42.94 1.80
C ARG B 67 -22.31 43.21 0.98
N LYS B 68 -21.20 43.47 1.65
CA LYS B 68 -19.94 43.81 0.97
C LYS B 68 -19.41 42.69 0.08
N THR B 69 -19.62 41.45 0.51
CA THR B 69 -19.20 40.24 -0.24
C THR B 69 -20.01 40.10 -1.54
N TYR B 70 -21.30 40.40 -1.46
CA TYR B 70 -22.18 40.41 -2.64
C TYR B 70 -21.70 41.44 -3.67
N GLU B 71 -21.40 42.65 -3.21
CA GLU B 71 -20.91 43.73 -4.07
C GLU B 71 -19.49 43.47 -4.59
N SER B 72 -18.79 42.50 -3.97
CA SER B 72 -17.43 42.13 -4.36
C SER B 72 -17.40 41.12 -5.50
N ILE B 73 -18.43 40.28 -5.60
CA ILE B 73 -18.55 39.34 -6.70
C ILE B 73 -18.95 40.10 -7.96
N PRO B 74 -18.28 39.81 -9.11
CA PRO B 74 -18.57 40.56 -10.35
C PRO B 74 -20.07 40.71 -10.59
N LYS B 75 -20.51 41.96 -10.79
CA LYS B 75 -21.93 42.31 -10.97
C LYS B 75 -22.61 41.54 -12.12
N ALA B 76 -21.80 40.86 -12.93
CA ALA B 76 -22.26 40.05 -14.05
C ALA B 76 -23.06 38.83 -13.57
N SER B 77 -22.36 37.71 -13.39
CA SER B 77 -22.99 36.46 -12.93
C SER B 77 -23.07 36.38 -11.39
N LEU B 78 -23.72 37.38 -10.79
CA LEU B 78 -23.90 37.43 -9.33
C LEU B 78 -24.79 36.27 -8.81
N PRO B 79 -26.00 36.08 -9.40
CA PRO B 79 -26.76 34.91 -9.00
C PRO B 79 -25.97 33.64 -9.33
N LEU B 80 -25.38 33.02 -8.30
CA LEU B 80 -24.56 31.83 -8.49
C LEU B 80 -25.43 30.69 -9.02
N LYS B 81 -25.05 30.18 -10.19
CA LYS B 81 -25.85 29.21 -10.95
C LYS B 81 -26.22 27.97 -10.15
N ASN B 82 -27.51 27.62 -10.17
CA ASN B 82 -28.04 26.42 -9.53
C ASN B 82 -28.16 26.48 -8.00
N ARG B 83 -28.20 27.69 -7.46
CA ARG B 83 -28.31 27.89 -6.01
C ARG B 83 -29.22 29.07 -5.65
N ILE B 84 -29.85 29.01 -4.49
CA ILE B 84 -30.60 30.15 -3.97
C ILE B 84 -29.63 31.14 -3.31
N ASN B 85 -29.56 32.34 -3.87
CA ASN B 85 -28.68 33.39 -3.36
C ASN B 85 -29.42 34.31 -2.38
N VAL B 86 -28.84 34.46 -1.19
CA VAL B 86 -29.43 35.26 -0.11
C VAL B 86 -28.40 36.27 0.39
N ILE B 87 -28.79 37.53 0.53
CA ILE B 87 -27.87 38.57 1.04
C ILE B 87 -28.42 39.32 2.26
N LEU B 88 -27.53 39.65 3.20
CA LEU B 88 -27.94 40.31 4.45
C LEU B 88 -27.35 41.72 4.61
N SER B 89 -28.17 42.63 5.15
CA SER B 89 -27.80 44.04 5.32
C SER B 89 -28.86 44.81 6.11
N ARG B 90 -28.39 45.77 6.90
CA ARG B 90 -29.29 46.72 7.58
C ARG B 90 -29.42 48.01 6.78
N THR B 91 -28.87 48.04 5.57
CA THR B 91 -28.98 49.23 4.69
C THR B 91 -29.59 48.98 3.30
N VAL B 92 -29.09 47.99 2.55
CA VAL B 92 -29.53 47.78 1.15
C VAL B 92 -30.94 47.16 1.06
N LYS B 93 -31.72 47.65 0.09
CA LYS B 93 -33.16 47.33 -0.03
C LYS B 93 -33.48 45.93 -0.58
N GLU B 94 -33.26 45.73 -1.88
CA GLU B 94 -33.49 44.44 -2.55
C GLU B 94 -32.51 44.23 -3.71
N VAL B 95 -32.12 42.98 -3.94
CA VAL B 95 -31.14 42.66 -4.98
C VAL B 95 -31.75 41.78 -6.08
N PRO B 96 -31.50 42.13 -7.36
CA PRO B 96 -31.85 41.37 -8.55
C PRO B 96 -31.78 39.85 -8.41
N GLY B 97 -32.94 39.22 -8.18
CA GLY B 97 -33.07 37.77 -8.13
C GLY B 97 -32.47 37.08 -6.91
N CYS B 98 -32.45 37.80 -5.78
CA CYS B 98 -31.85 37.30 -4.56
C CYS B 98 -32.65 37.71 -3.33
N LEU B 99 -32.85 36.76 -2.40
CA LEU B 99 -33.59 37.03 -1.17
C LEU B 99 -32.77 37.90 -0.20
N VAL B 100 -33.38 38.98 0.27
CA VAL B 100 -32.70 39.93 1.16
C VAL B 100 -33.37 39.98 2.53
N TYR B 101 -32.57 39.88 3.59
CA TYR B 101 -33.06 39.90 4.96
C TYR B 101 -32.30 40.90 5.83
N GLU B 102 -32.96 41.40 6.86
CA GLU B 102 -32.39 42.39 7.77
C GLU B 102 -31.27 41.78 8.62
N ASP B 103 -31.57 40.69 9.33
CA ASP B 103 -30.54 39.98 10.07
C ASP B 103 -30.57 38.46 9.84
N LEU B 104 -29.55 37.78 10.37
CA LEU B 104 -29.35 36.35 10.15
C LEU B 104 -30.36 35.48 10.87
N SER B 105 -30.64 35.81 12.14
CA SER B 105 -31.64 35.11 12.95
C SER B 105 -32.96 34.93 12.19
N THR B 106 -33.44 36.03 11.60
CA THR B 106 -34.69 36.04 10.84
C THR B 106 -34.56 35.36 9.48
N ALA B 107 -33.39 35.51 8.86
CA ALA B 107 -33.12 34.90 7.54
C ALA B 107 -33.26 33.38 7.54
N ILE B 108 -32.66 32.73 8.53
CA ILE B 108 -32.66 31.27 8.62
C ILE B 108 -34.08 30.72 8.85
N ARG B 109 -34.82 31.35 9.77
CA ARG B 109 -36.19 30.91 10.07
C ARG B 109 -37.15 31.06 8.89
N ASP B 110 -36.99 32.15 8.13
CA ASP B 110 -37.82 32.40 6.95
C ASP B 110 -37.57 31.40 5.83
N LEU B 111 -36.31 31.00 5.64
CA LEU B 111 -35.96 30.02 4.63
C LEU B 111 -36.47 28.63 5.03
N ARG B 112 -36.31 28.30 6.31
CA ARG B 112 -36.59 26.95 6.82
C ARG B 112 -38.07 26.68 7.05
N ALA B 113 -38.87 27.74 7.15
CA ALA B 113 -40.32 27.60 7.31
C ALA B 113 -41.06 27.78 5.98
N ASN B 114 -40.53 28.64 5.11
CA ASN B 114 -41.23 29.02 3.88
C ASN B 114 -40.61 28.51 2.57
N VAL B 115 -39.28 28.59 2.45
CA VAL B 115 -38.62 28.32 1.17
C VAL B 115 -38.07 26.89 1.07
N PRO B 116 -38.58 26.10 0.10
CA PRO B 116 -38.03 24.77 -0.14
C PRO B 116 -36.53 24.79 -0.51
N HIS B 117 -35.71 24.20 0.34
CA HIS B 117 -34.28 24.13 0.08
C HIS B 117 -33.68 22.87 0.71
N ASN B 118 -32.43 22.57 0.35
CA ASN B 118 -31.73 21.42 0.90
C ASN B 118 -30.86 21.80 2.10
N LYS B 119 -29.82 22.60 1.84
CA LYS B 119 -28.82 22.92 2.85
C LYS B 119 -28.46 24.41 2.75
N ILE B 120 -28.15 25.02 3.89
CA ILE B 120 -27.73 26.42 3.94
C ILE B 120 -26.20 26.53 4.09
N PHE B 121 -25.58 27.31 3.20
CA PHE B 121 -24.15 27.56 3.24
C PHE B 121 -23.85 29.04 3.50
N ILE B 122 -22.84 29.29 4.34
CA ILE B 122 -22.46 30.65 4.72
C ILE B 122 -21.18 30.98 3.98
N LEU B 123 -21.27 31.91 3.04
CA LEU B 123 -20.21 32.12 2.07
C LEU B 123 -19.41 33.40 2.20
N GLY B 124 -19.64 34.19 3.24
CA GLY B 124 -18.72 35.28 3.47
C GLY B 124 -19.15 36.60 4.02
N GLY B 125 -18.11 37.38 4.32
CA GLY B 125 -18.15 38.43 5.28
C GLY B 125 -17.66 37.93 6.62
N SER B 126 -16.55 38.51 7.07
CA SER B 126 -16.09 38.38 8.46
C SER B 126 -17.20 38.68 9.46
N PHE B 127 -18.05 39.65 9.15
CA PHE B 127 -19.20 40.00 9.99
C PHE B 127 -20.14 38.79 10.11
N LEU B 128 -20.46 38.17 8.98
CA LEU B 128 -21.35 37.02 8.98
C LEU B 128 -20.71 35.76 9.56
N TYR B 129 -19.43 35.54 9.28
CA TYR B 129 -18.68 34.45 9.91
C TYR B 129 -18.68 34.56 11.43
N LYS B 130 -18.44 35.79 11.90
CA LYS B 130 -18.37 36.13 13.33
C LYS B 130 -19.64 35.72 14.08
N GLU B 131 -20.80 36.20 13.61
CA GLU B 131 -22.07 35.88 14.27
C GLU B 131 -22.31 34.38 14.35
N VAL B 132 -22.06 33.71 13.23
CA VAL B 132 -22.31 32.28 13.07
C VAL B 132 -21.48 31.48 14.07
N LEU B 133 -20.19 31.81 14.17
CA LEU B 133 -19.29 31.12 15.08
C LEU B 133 -19.51 31.51 16.55
N ASP B 134 -19.64 32.81 16.82
CA ASP B 134 -19.79 33.31 18.19
C ASP B 134 -20.97 32.72 18.96
N ASN B 135 -22.00 32.30 18.24
CA ASN B 135 -23.22 31.79 18.86
C ASN B 135 -23.36 30.27 18.83
N GLY B 136 -22.58 29.63 17.95
CA GLY B 136 -22.56 28.17 17.83
C GLY B 136 -23.48 27.61 16.75
N LEU B 137 -23.69 28.39 15.69
CA LEU B 137 -24.64 28.03 14.63
C LEU B 137 -24.03 27.20 13.49
N CYS B 138 -22.73 26.96 13.59
CA CYS B 138 -22.02 26.23 12.55
C CYS B 138 -21.54 24.88 13.07
N ASP B 139 -21.87 23.82 12.34
CA ASP B 139 -21.45 22.46 12.69
C ASP B 139 -20.25 21.98 11.84
N LYS B 140 -20.00 22.71 10.74
CA LYS B 140 -19.04 22.29 9.72
C LYS B 140 -18.43 23.46 8.94
N ILE B 141 -17.10 23.45 8.85
CA ILE B 141 -16.35 24.44 8.08
C ILE B 141 -15.49 23.75 7.01
N TYR B 142 -15.77 24.04 5.74
CA TYR B 142 -14.88 23.66 4.65
C TYR B 142 -13.91 24.82 4.42
N LEU B 143 -12.62 24.61 4.75
CA LEU B 143 -11.68 25.73 4.70
C LEU B 143 -10.55 25.44 3.72
N THR B 144 -10.29 26.38 2.80
CA THR B 144 -9.12 26.28 1.93
C THR B 144 -7.92 26.93 2.62
N ARG B 145 -6.88 26.16 2.90
CA ARG B 145 -5.71 26.66 3.64
C ARG B 145 -4.65 27.14 2.65
N LEU B 146 -4.29 28.41 2.71
CA LEU B 146 -3.18 28.91 1.88
C LEU B 146 -1.95 29.11 2.72
N ASN B 147 -0.82 28.60 2.22
CA ASN B 147 0.45 28.59 2.97
C ASN B 147 1.28 29.87 2.87
N LYS B 148 0.63 30.97 2.51
CA LYS B 148 1.32 32.25 2.35
C LYS B 148 0.49 33.34 3.04
N GLU B 149 1.16 34.32 3.63
CA GLU B 149 0.50 35.50 4.16
C GLU B 149 0.16 36.46 3.01
N TYR B 150 -1.02 37.09 3.07
CA TYR B 150 -1.35 38.17 2.12
C TYR B 150 -1.81 39.42 2.84
N PRO B 151 -1.50 40.62 2.26
CA PRO B 151 -2.07 41.86 2.78
C PRO B 151 -3.60 41.81 2.74
N GLY B 152 -4.23 42.31 3.79
CA GLY B 152 -5.67 42.38 3.83
C GLY B 152 -6.14 43.16 5.01
N ASP B 153 -7.45 43.33 5.09
CA ASP B 153 -8.09 44.13 6.13
C ASP B 153 -9.29 43.41 6.74
N THR B 154 -9.58 42.24 6.17
CA THR B 154 -10.70 41.40 6.57
C THR B 154 -10.14 40.03 6.90
N TYR B 155 -10.54 39.48 8.05
CA TYR B 155 -9.94 38.25 8.58
C TYR B 155 -10.98 37.21 8.96
N PHE B 156 -10.61 35.94 8.88
CA PHE B 156 -11.46 34.89 9.39
C PHE B 156 -11.26 34.79 10.89
N PRO B 157 -12.36 34.75 11.67
CA PRO B 157 -12.19 34.66 13.13
C PRO B 157 -11.51 33.36 13.54
N ASP B 158 -10.93 33.34 14.73
CA ASP B 158 -10.37 32.11 15.29
C ASP B 158 -11.43 31.03 15.33
N ILE B 159 -11.00 29.80 15.08
CA ILE B 159 -11.93 28.69 15.13
C ILE B 159 -11.98 28.17 16.56
N PRO B 160 -13.18 28.11 17.16
CA PRO B 160 -13.25 27.71 18.57
C PRO B 160 -12.63 26.34 18.81
N ASP B 161 -12.04 26.19 19.99
CA ASP B 161 -11.45 24.92 20.44
C ASP B 161 -12.48 23.78 20.46
N THR B 162 -13.75 24.11 20.20
CA THR B 162 -14.81 23.11 20.07
C THR B 162 -14.80 22.35 18.72
N PHE B 163 -14.05 22.87 17.75
CA PHE B 163 -13.93 22.22 16.45
C PHE B 163 -12.63 21.41 16.35
N GLU B 164 -12.63 20.40 15.49
CA GLU B 164 -11.39 19.71 15.09
C GLU B 164 -11.40 19.43 13.59
N ILE B 165 -10.22 19.32 13.01
CA ILE B 165 -10.06 18.91 11.62
C ILE B 165 -10.41 17.42 11.49
N THR B 166 -11.36 17.11 10.62
CA THR B 166 -11.74 15.71 10.38
C THR B 166 -11.35 15.23 8.99
N ALA B 167 -10.88 16.14 8.14
CA ALA B 167 -10.54 15.79 6.76
C ALA B 167 -9.46 16.70 6.21
N ILE B 168 -8.48 16.14 5.51
CA ILE B 168 -7.46 16.96 4.83
C ILE B 168 -7.27 16.40 3.42
N SER B 169 -7.46 17.24 2.40
CA SER B 169 -7.15 16.85 1.01
C SER B 169 -5.66 16.59 0.77
N PRO B 170 -5.30 16.09 -0.43
CA PRO B 170 -3.88 16.20 -0.78
C PRO B 170 -3.49 17.66 -0.91
N THR B 171 -2.19 17.93 -0.84
CA THR B 171 -1.69 19.26 -1.12
C THR B 171 -1.64 19.54 -2.62
N PHE B 172 -2.01 20.77 -2.99
CA PHE B 172 -1.97 21.23 -4.38
C PHE B 172 -1.14 22.51 -4.43
N SER B 173 -0.84 22.97 -5.64
CA SER B 173 -0.11 24.20 -5.77
C SER B 173 -0.42 24.90 -7.08
N THR B 174 -0.29 26.21 -7.08
CA THR B 174 -0.26 27.01 -8.30
C THR B 174 1.16 27.49 -8.42
N ASP B 175 1.44 28.35 -9.40
CA ASP B 175 2.74 29.01 -9.53
C ASP B 175 3.07 29.96 -8.39
N PHE B 176 2.05 30.33 -7.60
CA PHE B 176 2.24 31.39 -6.60
C PHE B 176 1.92 30.98 -5.16
N VAL B 177 1.36 29.79 -4.96
CA VAL B 177 0.97 29.35 -3.60
C VAL B 177 0.74 27.86 -3.53
N SER B 178 1.05 27.27 -2.37
CA SER B 178 0.58 25.93 -2.08
C SER B 178 -0.59 26.00 -1.10
N TYR B 179 -1.47 25.01 -1.18
CA TYR B 179 -2.76 25.07 -0.49
C TYR B 179 -3.37 23.67 -0.42
N ASP B 180 -4.35 23.53 0.46
CA ASP B 180 -5.14 22.32 0.52
C ASP B 180 -6.55 22.64 1.03
N PHE B 181 -7.40 21.62 1.09
CA PHE B 181 -8.76 21.76 1.59
C PHE B 181 -8.87 20.94 2.87
N VAL B 182 -9.47 21.53 3.89
CA VAL B 182 -9.77 20.80 5.13
C VAL B 182 -11.24 20.96 5.52
N ILE B 183 -11.71 20.02 6.33
CA ILE B 183 -12.99 20.12 7.01
C ILE B 183 -12.79 20.17 8.53
N TYR B 184 -13.35 21.18 9.17
CA TYR B 184 -13.49 21.26 10.62
C TYR B 184 -14.91 20.87 11.00
N GLU B 185 -15.06 20.08 12.05
CA GLU B 185 -16.39 19.72 12.56
C GLU B 185 -16.44 19.89 14.08
N ARG B 186 -17.63 20.14 14.61
CA ARG B 186 -17.83 20.30 16.06
C ARG B 186 -17.53 19.02 16.84
N LYS B 187 -16.75 19.18 17.92
CA LYS B 187 -16.42 18.13 18.91
C LYS B 187 -15.01 17.58 18.76
N PRO B 197 -19.56 -2.51 9.65
CA PRO B 197 -20.13 -3.76 9.13
C PRO B 197 -19.29 -4.95 9.55
N PHE B 198 -19.90 -5.88 10.27
CA PHE B 198 -19.17 -6.93 10.97
C PHE B 198 -18.42 -7.90 10.04
N ASP B 199 -19.02 -8.23 8.90
CA ASP B 199 -18.38 -9.11 7.94
C ASP B 199 -16.96 -8.68 7.60
N GLN B 200 -16.72 -7.38 7.58
CA GLN B 200 -15.38 -6.83 7.34
C GLN B 200 -14.38 -7.24 8.41
N LEU B 201 -14.85 -7.36 9.64
CA LEU B 201 -14.02 -7.82 10.75
C LEU B 201 -13.90 -9.35 10.72
N LEU B 202 -15.03 -10.03 10.55
CA LEU B 202 -15.08 -11.48 10.61
C LEU B 202 -14.22 -12.11 9.50
N MET B 203 -14.19 -11.46 8.33
CA MET B 203 -13.50 -12.01 7.14
C MET B 203 -12.01 -11.74 7.03
N THR B 204 -11.43 -11.16 8.07
CA THR B 204 -9.99 -11.20 8.23
C THR B 204 -9.64 -12.66 8.56
N GLY B 205 -10.65 -13.42 8.99
CA GLY B 205 -10.50 -14.82 9.44
C GLY B 205 -9.86 -14.96 10.83
N THR B 206 -9.43 -13.84 11.42
CA THR B 206 -8.73 -13.82 12.71
C THR B 206 -9.46 -12.95 13.77
N ASP B 207 -8.78 -12.69 14.90
CA ASP B 207 -9.40 -12.09 16.09
C ASP B 207 -10.29 -10.88 15.80
N ILE B 208 -11.58 -11.02 16.10
CA ILE B 208 -12.55 -9.94 15.86
C ILE B 208 -12.43 -8.82 16.90
N SER B 209 -11.84 -9.13 18.05
CA SER B 209 -11.66 -8.11 19.09
C SER B 209 -10.18 -7.85 19.30
N VAL B 210 -9.54 -7.34 18.25
CA VAL B 210 -8.13 -6.98 18.29
C VAL B 210 -8.01 -5.70 19.13
N PRO B 211 -7.05 -5.68 20.08
CA PRO B 211 -6.88 -4.45 20.87
C PRO B 211 -6.58 -3.29 19.91
N LYS B 212 -7.10 -2.10 20.23
CA LYS B 212 -6.80 -0.91 19.43
C LYS B 212 -5.28 -0.68 19.46
N PRO B 213 -4.67 -0.36 18.30
CA PRO B 213 -3.25 -0.03 18.32
C PRO B 213 -2.95 1.00 19.41
N LYS B 214 -1.92 0.77 20.20
CA LYS B 214 -1.54 1.73 21.22
C LYS B 214 -1.30 3.14 20.64
N TYR B 215 -0.85 3.22 19.39
CA TYR B 215 -0.56 4.52 18.75
C TYR B 215 -1.30 4.70 17.43
N VAL B 216 -1.96 5.85 17.29
CA VAL B 216 -2.66 6.23 16.06
C VAL B 216 -2.33 7.69 15.78
N ALA B 217 -1.90 7.96 14.55
CA ALA B 217 -1.59 9.33 14.15
C ALA B 217 -2.88 10.12 13.96
N CYS B 218 -2.93 11.32 14.55
CA CYS B 218 -4.06 12.27 14.33
C CYS B 218 -5.41 11.56 14.35
N PRO B 219 -5.75 10.96 15.50
CA PRO B 219 -6.92 10.07 15.46
C PRO B 219 -8.25 10.75 15.11
N GLY B 220 -8.30 12.08 15.25
CA GLY B 220 -9.49 12.86 14.86
C GLY B 220 -9.72 13.02 13.36
N VAL B 221 -8.66 12.88 12.55
CA VAL B 221 -8.78 13.04 11.11
C VAL B 221 -9.23 11.72 10.47
N ARG B 222 -10.41 11.72 9.86
CA ARG B 222 -11.00 10.51 9.27
C ARG B 222 -10.77 10.39 7.77
N ILE B 223 -10.82 11.52 7.06
CA ILE B 223 -10.47 11.53 5.65
C ILE B 223 -9.02 12.03 5.54
N ARG B 224 -8.10 11.12 5.22
CA ARG B 224 -6.66 11.33 5.43
C ARG B 224 -5.89 11.31 4.13
N ASN B 225 -6.06 12.36 3.34
CA ASN B 225 -5.54 12.36 1.98
C ASN B 225 -4.23 13.14 1.82
N HIS B 226 -3.82 13.82 2.89
CA HIS B 226 -2.52 14.50 2.87
C HIS B 226 -1.50 13.38 2.81
N GLU B 227 -0.56 13.49 1.88
CA GLU B 227 0.54 12.52 1.76
C GLU B 227 1.38 12.30 3.01
N GLU B 228 1.44 13.29 3.90
CA GLU B 228 2.20 13.12 5.16
C GLU B 228 1.64 12.00 6.06
N PHE B 229 0.36 11.70 5.94
CA PHE B 229 -0.22 10.60 6.75
C PHE B 229 0.45 9.25 6.46
N GLN B 230 1.05 9.10 5.28
CA GLN B 230 1.73 7.86 4.96
C GLN B 230 2.87 7.65 5.95
N TYR B 231 3.61 8.72 6.20
CA TYR B 231 4.77 8.65 7.08
C TYR B 231 4.30 8.57 8.53
N LEU B 232 3.31 9.38 8.90
CA LEU B 232 2.82 9.35 10.28
C LEU B 232 2.20 7.98 10.62
N ASP B 233 1.45 7.39 9.69
CA ASP B 233 0.89 6.04 9.92
C ASP B 233 1.98 4.99 10.12
N ILE B 234 3.08 5.08 9.38
CA ILE B 234 4.22 4.16 9.56
C ILE B 234 4.87 4.35 10.94
N LEU B 235 5.04 5.61 11.35
CA LEU B 235 5.50 5.88 12.72
C LEU B 235 4.60 5.18 13.73
N ALA B 236 3.29 5.40 13.62
CA ALA B 236 2.35 4.78 14.56
C ALA B 236 2.34 3.26 14.48
N ASP B 237 2.47 2.73 13.27
CA ASP B 237 2.52 1.26 13.07
C ASP B 237 3.73 0.61 13.78
N VAL B 238 4.91 1.19 13.61
CA VAL B 238 6.13 0.66 14.20
C VAL B 238 6.07 0.74 15.74
N LEU B 239 5.64 1.86 16.30
CA LEU B 239 5.45 1.98 17.76
C LEU B 239 4.46 0.97 18.29
N SER B 240 3.38 0.75 17.54
CA SER B 240 2.31 -0.16 17.97
C SER B 240 2.67 -1.65 17.87
N HIS B 241 3.42 -2.00 16.82
CA HIS B 241 3.62 -3.40 16.43
C HIS B 241 5.07 -3.80 16.22
N GLY B 242 5.99 -2.84 16.20
CA GLY B 242 7.42 -3.16 16.00
C GLY B 242 7.98 -4.07 17.09
N VAL B 243 8.97 -4.88 16.72
CA VAL B 243 9.69 -5.75 17.64
C VAL B 243 10.91 -4.99 18.16
N LEU B 244 11.19 -5.13 19.45
CA LEU B 244 12.36 -4.48 20.02
C LEU B 244 13.62 -5.17 19.54
N LYS B 245 14.51 -4.42 18.90
CA LYS B 245 15.79 -4.99 18.49
C LYS B 245 16.91 -4.37 19.33
N PRO B 246 17.35 -5.10 20.38
CA PRO B 246 18.42 -4.54 21.21
C PRO B 246 19.71 -4.41 20.42
N ASN B 247 20.57 -3.49 20.82
CA ASN B 247 21.99 -3.71 20.53
C ASN B 247 22.87 -3.32 21.69
N ARG B 248 23.72 -4.29 22.07
CA ARG B 248 24.79 -4.06 23.01
C ARG B 248 25.63 -2.96 22.39
N THR B 249 26.12 -2.03 23.22
CA THR B 249 26.86 -0.86 22.74
C THR B 249 26.10 -0.09 21.67
N GLY B 250 25.09 0.67 22.12
CA GLY B 250 24.22 1.41 21.20
C GLY B 250 22.76 1.40 21.63
N THR B 251 21.98 2.25 20.96
CA THR B 251 20.59 2.49 21.31
C THR B 251 19.74 1.44 20.61
N ASP B 252 18.80 0.86 21.36
CA ASP B 252 17.88 -0.15 20.85
C ASP B 252 16.88 0.52 19.93
N ALA B 253 16.20 -0.26 19.10
CA ALA B 253 15.17 0.30 18.25
C ALA B 253 13.98 -0.64 18.09
N TYR B 254 12.78 -0.09 17.95
CA TYR B 254 11.62 -0.88 17.53
C TYR B 254 11.56 -0.97 16.01
N SER B 255 11.35 -2.18 15.48
CA SER B 255 11.53 -2.41 14.04
C SER B 255 10.36 -3.22 13.44
N LYS B 256 9.99 -2.85 12.22
CA LYS B 256 8.98 -3.60 11.44
C LYS B 256 9.36 -3.46 9.96
N PHE B 257 8.98 -4.44 9.14
CA PHE B 257 9.54 -4.61 7.79
C PHE B 257 8.50 -4.38 6.69
N GLY B 258 8.85 -3.54 5.72
CA GLY B 258 8.13 -3.56 4.42
C GLY B 258 7.05 -2.51 4.36
N TYR B 259 7.38 -1.37 3.75
CA TYR B 259 6.41 -0.32 3.52
C TYR B 259 6.70 0.31 2.17
N GLN B 260 5.73 1.04 1.65
CA GLN B 260 5.89 1.77 0.40
C GLN B 260 5.14 3.07 0.58
N MET B 261 5.78 4.19 0.32
CA MET B 261 5.09 5.50 0.32
C MET B 261 5.22 6.09 -1.07
N ARG B 262 4.28 6.96 -1.46
CA ARG B 262 4.47 7.65 -2.72
C ARG B 262 4.04 9.10 -2.66
N PHE B 263 4.74 9.93 -3.44
CA PHE B 263 4.53 11.37 -3.40
C PHE B 263 4.43 11.91 -4.80
N ASP B 264 3.33 12.63 -5.06
CA ASP B 264 3.10 13.23 -6.36
C ASP B 264 3.87 14.54 -6.42
N LEU B 265 4.97 14.54 -7.17
CA LEU B 265 5.88 15.67 -7.23
C LEU B 265 5.40 16.82 -8.12
N SER B 266 4.38 16.58 -8.93
CA SER B 266 3.78 17.67 -9.70
C SER B 266 2.90 18.58 -8.84
N ARG B 267 2.45 18.07 -7.69
CA ARG B 267 1.47 18.76 -6.84
C ARG B 267 2.13 19.58 -5.76
N SER B 268 3.13 18.99 -5.11
CA SER B 268 3.80 19.66 -3.98
C SER B 268 5.13 19.00 -3.71
N PHE B 269 5.88 19.57 -2.77
CA PHE B 269 7.16 19.03 -2.35
C PHE B 269 7.07 18.43 -0.95
N PRO B 270 7.38 17.14 -0.81
CA PRO B 270 7.09 16.46 0.46
C PRO B 270 8.13 16.71 1.55
N LEU B 271 8.24 17.96 1.99
CA LEU B 271 9.05 18.29 3.17
C LEU B 271 8.12 18.23 4.39
N LEU B 272 8.37 17.29 5.28
CA LEU B 272 7.42 17.04 6.39
C LEU B 272 7.10 18.31 7.18
N THR B 273 5.84 18.47 7.56
CA THR B 273 5.35 19.66 8.24
C THR B 273 5.08 19.44 9.73
N THR B 274 5.05 18.18 10.17
CA THR B 274 4.76 17.90 11.59
C THR B 274 5.98 18.14 12.52
N LYS B 275 7.11 18.48 11.92
CA LYS B 275 8.24 19.07 12.61
C LYS B 275 8.99 19.93 11.58
N LYS B 276 9.77 20.90 12.04
CA LYS B 276 10.59 21.70 11.15
C LYS B 276 11.78 20.84 10.73
N VAL B 277 11.81 20.50 9.46
CA VAL B 277 12.86 19.64 8.92
C VAL B 277 14.01 20.50 8.40
N ALA B 278 15.24 20.03 8.60
CA ALA B 278 16.45 20.78 8.25
C ALA B 278 16.78 20.71 6.76
N LEU B 279 16.00 21.43 5.96
CA LEU B 279 16.15 21.45 4.52
C LEU B 279 17.58 21.77 4.02
N ARG B 280 18.26 22.71 4.67
CA ARG B 280 19.58 23.14 4.22
C ARG B 280 20.56 21.96 4.26
N SER B 281 20.49 21.16 5.32
CA SER B 281 21.35 19.98 5.46
C SER B 281 21.04 18.96 4.36
N ILE B 282 19.76 18.77 4.07
CA ILE B 282 19.32 17.85 3.00
C ILE B 282 19.92 18.25 1.65
N ILE B 283 19.77 19.52 1.30
CA ILE B 283 20.29 20.01 0.03
C ILE B 283 21.79 19.88 -0.05
N GLU B 284 22.50 20.32 0.99
CA GLU B 284 23.97 20.24 0.96
C GLU B 284 24.45 18.78 0.85
N GLU B 285 23.81 17.88 1.57
CA GLU B 285 24.16 16.44 1.47
C GLU B 285 23.97 15.94 0.02
N LEU B 286 22.86 16.34 -0.61
CA LEU B 286 22.57 15.86 -1.97
C LEU B 286 23.57 16.42 -2.98
N LEU B 287 23.90 17.71 -2.86
CA LEU B 287 24.91 18.29 -3.76
C LEU B 287 26.28 17.60 -3.63
N TRP B 288 26.59 17.18 -2.40
CA TRP B 288 27.81 16.44 -2.06
C TRP B 288 27.81 15.04 -2.72
N PHE B 289 26.69 14.30 -2.64
CA PHE B 289 26.51 13.08 -3.43
C PHE B 289 26.75 13.32 -4.94
N ILE B 290 26.11 14.35 -5.47
CA ILE B 290 26.19 14.67 -6.90
C ILE B 290 27.64 14.92 -7.36
N LYS B 291 28.42 15.60 -6.53
CA LYS B 291 29.80 15.91 -6.90
C LYS B 291 30.71 14.69 -6.72
N GLY B 292 30.17 13.61 -6.18
CA GLY B 292 30.95 12.40 -6.00
C GLY B 292 31.85 12.39 -4.79
N SER B 293 31.64 13.32 -3.86
CA SER B 293 32.56 13.46 -2.73
C SER B 293 32.40 12.34 -1.68
N THR B 294 33.51 11.99 -1.04
CA THR B 294 33.52 11.06 0.09
C THR B 294 34.19 11.72 1.29
N ASN B 295 34.42 13.02 1.16
CA ASN B 295 35.15 13.80 2.17
C ASN B 295 34.18 14.52 3.10
N GLY B 296 34.01 13.99 4.31
CA GLY B 296 33.12 14.57 5.32
C GLY B 296 33.41 16.03 5.67
N ASN B 297 34.68 16.44 5.53
CA ASN B 297 35.05 17.87 5.69
C ASN B 297 34.28 18.83 4.80
N ASP B 298 33.86 18.38 3.61
CA ASP B 298 33.12 19.26 2.68
C ASP B 298 31.79 19.67 3.27
N LEU B 299 31.18 18.76 4.04
CA LEU B 299 29.91 19.00 4.74
C LEU B 299 30.13 19.87 5.99
N LEU B 300 31.18 19.55 6.73
CA LEU B 300 31.57 20.33 7.90
C LEU B 300 31.81 21.80 7.58
N ALA B 301 32.47 22.06 6.45
CA ALA B 301 32.65 23.42 5.95
C ALA B 301 31.31 24.16 5.69
N LYS B 302 30.23 23.40 5.54
CA LYS B 302 28.89 24.00 5.37
C LYS B 302 28.12 24.00 6.70
N ASN B 303 28.82 23.70 7.81
CA ASN B 303 28.20 23.39 9.11
C ASN B 303 27.02 22.41 8.98
N VAL B 304 27.25 21.36 8.22
CA VAL B 304 26.31 20.25 8.14
C VAL B 304 27.01 19.04 8.80
N ARG B 305 26.40 18.54 9.87
CA ARG B 305 27.13 17.64 10.77
C ARG B 305 26.54 16.23 10.82
N ILE B 306 25.65 15.92 9.88
CA ILE B 306 24.94 14.62 9.88
C ILE B 306 25.86 13.41 9.65
N TRP B 307 26.99 13.62 8.98
CA TRP B 307 28.01 12.58 8.75
C TRP B 307 29.21 12.66 9.72
N GLU B 308 29.23 13.66 10.61
CA GLU B 308 30.43 13.90 11.41
C GLU B 308 30.83 12.71 12.30
N LEU B 309 29.88 12.17 13.07
CA LEU B 309 30.18 11.08 14.00
C LEU B 309 30.76 9.85 13.29
N ASN B 310 30.32 9.63 12.05
CA ASN B 310 30.76 8.49 11.24
C ASN B 310 32.15 8.66 10.64
N GLY B 311 32.69 9.87 10.70
CA GLY B 311 34.03 10.13 10.18
C GLY B 311 35.12 10.26 11.24
N ARG B 312 34.74 10.20 12.50
CA ARG B 312 35.68 10.48 13.60
C ARG B 312 36.71 9.38 13.87
N ARG B 313 37.92 9.81 14.23
CA ARG B 313 39.02 8.91 14.63
C ARG B 313 38.54 7.72 15.46
N ASP B 314 37.77 7.98 16.52
CA ASP B 314 37.28 6.94 17.41
C ASP B 314 36.45 5.91 16.66
N PHE B 315 35.45 6.39 15.92
CA PHE B 315 34.55 5.52 15.15
C PHE B 315 35.28 4.68 14.08
N LEU B 316 36.25 5.29 13.41
CA LEU B 316 36.96 4.63 12.31
C LEU B 316 37.85 3.49 12.82
N ASP B 317 38.68 3.80 13.81
CA ASP B 317 39.47 2.79 14.52
C ASP B 317 38.60 1.62 14.99
N LYS B 318 37.49 1.95 15.67
CA LYS B 318 36.52 0.96 16.14
C LYS B 318 36.12 -0.02 15.02
N ASN B 319 36.11 0.46 13.77
CA ASN B 319 35.68 -0.37 12.64
C ASN B 319 36.82 -0.96 11.79
N GLY B 320 38.05 -0.71 12.20
CA GLY B 320 39.20 -1.31 11.53
C GLY B 320 39.96 -0.38 10.60
N PHE B 321 39.41 0.79 10.32
CA PHE B 321 40.04 1.73 9.40
C PHE B 321 41.07 2.64 10.06
N THR B 322 42.01 2.01 10.77
CA THR B 322 43.06 2.71 11.53
C THR B 322 43.97 3.53 10.62
N ASP B 323 44.14 3.07 9.38
CA ASP B 323 44.94 3.79 8.38
C ASP B 323 44.19 4.91 7.64
N ARG B 324 42.89 5.06 7.92
CA ARG B 324 42.09 6.03 7.19
C ARG B 324 41.97 7.39 7.90
N GLU B 325 42.29 8.45 7.17
CA GLU B 325 42.23 9.84 7.62
C GLU B 325 40.85 10.20 8.16
N GLU B 326 40.80 11.12 9.13
CA GLU B 326 39.52 11.52 9.72
C GLU B 326 38.58 12.14 8.66
N HIS B 327 37.31 11.74 8.74
CA HIS B 327 36.27 12.14 7.77
C HIS B 327 36.46 11.63 6.33
N ASP B 328 37.39 10.69 6.14
CA ASP B 328 37.43 9.90 4.91
C ASP B 328 36.42 8.77 5.07
N LEU B 329 35.27 8.91 4.43
CA LEU B 329 34.17 7.99 4.66
C LEU B 329 34.22 6.70 3.82
N GLY B 330 35.23 6.60 2.96
CA GLY B 330 35.35 5.46 2.06
C GLY B 330 34.43 5.57 0.84
N PRO B 331 34.25 4.48 0.10
CA PRO B 331 33.52 4.51 -1.19
C PRO B 331 32.01 4.51 -1.01
N ILE B 332 31.49 5.57 -0.40
CA ILE B 332 30.06 5.66 -0.13
C ILE B 332 29.29 6.24 -1.34
N TYR B 333 28.05 6.64 -1.11
CA TYR B 333 27.13 7.06 -2.18
C TYR B 333 27.76 7.82 -3.33
N GLY B 334 28.39 8.96 -3.02
CA GLY B 334 28.99 9.83 -4.04
C GLY B 334 29.94 9.12 -4.97
N PHE B 335 30.84 8.32 -4.38
CA PHE B 335 31.76 7.50 -5.14
C PHE B 335 31.08 6.46 -6.03
N GLN B 336 30.06 5.78 -5.51
CA GLN B 336 29.31 4.80 -6.31
C GLN B 336 28.51 5.47 -7.43
N TRP B 337 27.93 6.63 -7.15
CA TRP B 337 27.13 7.32 -8.16
C TRP B 337 27.98 7.75 -9.35
N ARG B 338 29.22 8.15 -9.06
CA ARG B 338 30.05 8.74 -10.12
C ARG B 338 31.18 7.84 -10.60
N HIS B 339 31.49 6.79 -9.84
CA HIS B 339 32.73 6.01 -10.07
C HIS B 339 32.63 4.53 -9.72
N PHE B 340 31.44 3.96 -9.89
CA PHE B 340 31.20 2.56 -9.53
C PHE B 340 32.23 1.63 -10.18
N GLY B 341 32.94 0.86 -9.35
CA GLY B 341 33.91 -0.11 -9.88
C GLY B 341 35.35 0.37 -9.91
N ALA B 342 35.58 1.68 -9.80
CA ALA B 342 36.95 2.20 -9.61
C ALA B 342 37.54 1.67 -8.30
N GLU B 343 38.86 1.54 -8.26
CA GLU B 343 39.55 1.16 -7.04
C GLU B 343 39.59 2.38 -6.12
N TYR B 344 38.97 2.26 -4.95
CA TYR B 344 39.01 3.34 -3.97
C TYR B 344 40.37 3.40 -3.28
N LEU B 345 40.93 4.60 -3.25
CA LEU B 345 42.20 4.84 -2.58
C LEU B 345 41.94 5.63 -1.31
N ASP B 346 41.83 6.95 -1.45
CA ASP B 346 41.39 7.81 -0.36
C ASP B 346 40.50 8.92 -0.92
N MET B 347 40.03 9.79 -0.03
CA MET B 347 39.12 10.87 -0.44
C MET B 347 39.79 11.96 -1.27
N HIS B 348 41.12 11.92 -1.35
CA HIS B 348 41.88 12.92 -2.09
C HIS B 348 42.19 12.50 -3.53
N ALA B 349 42.09 11.21 -3.82
CA ALA B 349 42.50 10.67 -5.12
C ALA B 349 41.69 11.22 -6.30
N ASP B 350 42.31 11.23 -7.47
CA ASP B 350 41.66 11.63 -8.72
C ASP B 350 41.03 10.43 -9.42
N TYR B 351 39.69 10.39 -9.41
CA TYR B 351 38.97 9.28 -10.03
C TYR B 351 38.42 9.63 -11.41
N THR B 352 38.91 10.73 -11.99
CA THR B 352 38.45 11.15 -13.32
C THR B 352 38.64 10.02 -14.33
N GLY B 353 37.55 9.68 -15.01
CA GLY B 353 37.58 8.64 -16.04
C GLY B 353 37.69 7.23 -15.51
N LYS B 354 37.56 7.07 -14.19
CA LYS B 354 37.65 5.75 -13.56
C LYS B 354 36.28 5.28 -13.05
N GLY B 355 35.97 4.00 -13.27
CA GLY B 355 34.67 3.45 -12.86
C GLY B 355 33.55 3.92 -13.77
N ILE B 356 32.32 3.57 -13.41
CA ILE B 356 31.18 3.91 -14.23
C ILE B 356 30.44 5.04 -13.57
N ASP B 357 30.27 6.12 -14.33
CA ASP B 357 29.50 7.27 -13.87
C ASP B 357 28.02 6.98 -14.09
N GLN B 358 27.42 6.30 -13.11
CA GLN B 358 26.03 5.90 -13.18
C GLN B 358 25.11 7.08 -13.31
N LEU B 359 25.41 8.15 -12.60
CA LEU B 359 24.57 9.34 -12.67
C LEU B 359 24.60 9.99 -14.06
N ALA B 360 25.79 10.19 -14.62
CA ALA B 360 25.89 10.73 -15.99
C ALA B 360 25.16 9.81 -16.98
N GLU B 361 25.40 8.50 -16.87
CA GLU B 361 24.84 7.54 -17.82
C GLU B 361 23.33 7.45 -17.79
N ILE B 362 22.74 7.53 -16.60
CA ILE B 362 21.29 7.51 -16.48
C ILE B 362 20.60 8.75 -17.08
N ILE B 363 21.17 9.92 -16.83
CA ILE B 363 20.70 11.15 -17.46
C ILE B 363 20.79 11.07 -18.99
N ASN B 364 21.93 10.65 -19.50
CA ASN B 364 22.05 10.48 -20.94
C ASN B 364 21.03 9.43 -21.47
N ARG B 365 20.85 8.34 -20.74
CA ARG B 365 19.95 7.28 -21.18
C ARG B 365 18.51 7.78 -21.25
N ILE B 366 18.10 8.51 -20.21
CA ILE B 366 16.76 9.11 -20.13
C ILE B 366 16.52 9.99 -21.36
N LYS B 367 17.52 10.81 -21.71
CA LYS B 367 17.41 11.69 -22.88
C LYS B 367 17.30 10.92 -24.19
N THR B 368 18.06 9.83 -24.28
CA THR B 368 18.22 9.03 -25.49
C THR B 368 17.06 8.02 -25.72
N ASN B 369 16.71 7.32 -24.64
CA ASN B 369 15.58 6.36 -24.65
CA ASN B 369 15.70 6.25 -24.61
C ASN B 369 14.91 6.25 -23.30
N PRO B 370 13.86 7.06 -23.17
CA PRO B 370 13.23 7.14 -21.85
C PRO B 370 12.48 5.86 -21.46
N ASN B 371 12.20 4.99 -22.45
CA ASN B 371 11.53 3.73 -22.20
C ASN B 371 12.47 2.63 -21.76
N ASP B 372 13.76 2.95 -21.64
CA ASP B 372 14.71 1.97 -21.17
C ASP B 372 14.25 1.41 -19.81
N ARG B 373 14.23 0.08 -19.65
CA ARG B 373 13.87 -0.55 -18.36
C ARG B 373 15.08 -0.72 -17.40
N ARG B 374 16.22 -0.10 -17.75
CA ARG B 374 17.50 -0.21 -17.01
C ARG B 374 18.04 1.12 -16.43
N LEU B 375 17.12 2.01 -16.11
CA LEU B 375 17.48 3.32 -15.59
C LEU B 375 17.70 3.21 -14.11
N ILE B 376 18.86 2.69 -13.73
CA ILE B 376 19.12 2.37 -12.34
C ILE B 376 20.45 2.97 -11.88
N VAL B 377 20.47 3.48 -10.65
CA VAL B 377 21.74 3.78 -9.99
C VAL B 377 21.81 2.89 -8.76
N CYS B 378 22.90 2.12 -8.67
CA CYS B 378 23.04 1.16 -7.58
C CYS B 378 24.29 1.51 -6.78
N SER B 379 24.10 1.73 -5.47
CA SER B 379 25.18 2.06 -4.55
C SER B 379 25.61 0.86 -3.74
N TRP B 380 24.94 -0.27 -3.96
CA TRP B 380 25.30 -1.51 -3.28
C TRP B 380 26.41 -2.22 -4.04
N ASN B 381 27.64 -1.79 -3.81
CA ASN B 381 28.79 -2.36 -4.50
C ASN B 381 29.38 -3.40 -3.55
N VAL B 382 29.03 -4.65 -3.80
CA VAL B 382 29.29 -5.73 -2.85
C VAL B 382 30.79 -5.81 -2.57
N SER B 383 31.60 -5.65 -3.62
CA SER B 383 33.06 -5.70 -3.50
C SER B 383 33.65 -4.57 -2.63
N ASP B 384 32.90 -3.49 -2.44
CA ASP B 384 33.35 -2.29 -1.70
C ASP B 384 32.85 -2.17 -0.27
N LEU B 385 31.92 -3.03 0.12
CA LEU B 385 31.29 -2.99 1.45
C LEU B 385 32.32 -2.92 2.57
N LYS B 386 33.28 -3.83 2.54
CA LYS B 386 34.34 -3.90 3.54
C LYS B 386 35.28 -2.67 3.59
N LYS B 387 35.04 -1.69 2.74
CA LYS B 387 35.81 -0.44 2.76
C LYS B 387 34.98 0.73 3.27
N MET B 388 33.71 0.47 3.55
CA MET B 388 32.83 1.45 4.17
C MET B 388 32.64 0.97 5.61
N ALA B 389 32.47 1.90 6.54
CA ALA B 389 32.19 1.51 7.94
C ALA B 389 30.70 1.24 8.13
N LEU B 390 29.89 1.93 7.33
CA LEU B 390 28.45 1.72 7.25
C LEU B 390 28.09 1.31 5.81
N PRO B 391 27.37 0.18 5.64
CA PRO B 391 26.84 -0.13 4.31
C PRO B 391 25.84 0.96 3.85
N PRO B 392 25.69 1.18 2.52
CA PRO B 392 24.71 2.18 2.05
C PRO B 392 23.31 1.84 2.55
N CYS B 393 22.54 2.87 2.86
CA CYS B 393 21.18 2.71 3.34
CA CYS B 393 21.16 2.70 3.36
C CYS B 393 20.17 2.88 2.22
N HIS B 394 20.21 4.04 1.54
CA HIS B 394 19.42 4.24 0.32
C HIS B 394 20.26 3.66 -0.80
N CYS B 395 20.12 2.37 -1.04
CA CYS B 395 21.17 1.65 -1.77
C CYS B 395 20.90 1.35 -3.24
N PHE B 396 19.71 1.68 -3.72
CA PHE B 396 19.31 1.34 -5.09
C PHE B 396 18.15 2.25 -5.45
N PHE B 397 18.23 2.94 -6.61
CA PHE B 397 17.05 3.63 -7.17
C PHE B 397 16.90 3.50 -8.66
N GLN B 398 15.67 3.69 -9.13
CA GLN B 398 15.31 3.42 -10.51
C GLN B 398 14.41 4.53 -11.02
N PHE B 399 14.71 5.03 -12.22
CA PHE B 399 13.87 6.05 -12.84
C PHE B 399 12.93 5.43 -13.87
N TYR B 400 11.87 6.15 -14.22
CA TYR B 400 10.81 5.67 -15.10
C TYR B 400 10.16 6.88 -15.74
N VAL B 401 9.89 6.76 -17.03
CA VAL B 401 9.29 7.87 -17.75
C VAL B 401 7.97 7.42 -18.39
N SER B 402 6.91 8.20 -18.20
CA SER B 402 5.68 7.97 -18.93
CA SER B 402 5.64 7.95 -18.87
C SER B 402 4.88 9.25 -19.06
N ASP B 403 4.27 9.42 -20.25
CA ASP B 403 3.55 10.65 -20.58
CA ASP B 403 3.56 10.64 -20.58
C ASP B 403 4.46 11.85 -20.32
N ASN B 404 5.75 11.71 -20.67
CA ASN B 404 6.79 12.74 -20.47
CA ASN B 404 6.74 12.79 -20.48
C ASN B 404 6.93 13.23 -19.03
N LYS B 405 6.68 12.32 -18.09
CA LYS B 405 6.83 12.62 -16.66
C LYS B 405 7.80 11.63 -16.01
N LEU B 406 8.73 12.13 -15.21
CA LEU B 406 9.73 11.30 -14.56
C LEU B 406 9.28 10.83 -13.17
N SER B 407 9.31 9.52 -12.92
CA SER B 407 9.16 9.00 -11.57
C SER B 407 10.44 8.28 -11.13
N CYS B 408 10.51 7.98 -9.84
CA CYS B 408 11.69 7.38 -9.24
C CYS B 408 11.24 6.44 -8.11
N MET B 409 11.84 5.25 -8.02
CA MET B 409 11.59 4.33 -6.93
C MET B 409 12.91 4.02 -6.24
N MET B 410 12.94 4.13 -4.92
CA MET B 410 14.18 3.94 -4.15
C MET B 410 13.97 2.87 -3.10
N HIS B 411 14.98 2.00 -2.94
CA HIS B 411 14.99 0.92 -1.95
C HIS B 411 15.85 1.33 -0.77
N GLN B 412 15.24 1.47 0.39
CA GLN B 412 15.98 1.83 1.57
C GLN B 412 16.10 0.65 2.51
N ARG B 413 17.32 0.14 2.62
CA ARG B 413 17.61 -1.07 3.37
C ARG B 413 17.29 -0.94 4.87
N SER B 414 17.65 0.20 5.43
CA SER B 414 17.54 0.45 6.86
C SER B 414 17.09 1.90 7.00
N CYS B 415 16.03 2.11 7.78
CA CYS B 415 15.28 3.35 7.72
C CYS B 415 15.11 3.85 9.13
N ASP B 416 15.94 4.83 9.51
CA ASP B 416 15.79 5.52 10.81
C ASP B 416 14.60 6.43 10.60
N LEU B 417 13.45 6.04 11.14
CA LEU B 417 12.22 6.76 10.85
C LEU B 417 12.20 8.17 11.42
N GLY B 418 12.78 8.34 12.60
CA GLY B 418 12.82 9.63 13.28
C GLY B 418 13.63 10.67 12.53
N LEU B 419 14.91 10.37 12.33
CA LEU B 419 15.85 11.34 11.75
C LEU B 419 16.13 11.15 10.26
N GLY B 420 16.26 9.91 9.82
CA GLY B 420 16.75 9.64 8.47
C GLY B 420 15.70 9.74 7.37
N VAL B 421 14.59 9.04 7.56
CA VAL B 421 13.55 8.97 6.54
C VAL B 421 13.03 10.33 6.04
N PRO B 422 12.80 11.32 6.96
CA PRO B 422 12.35 12.63 6.39
C PRO B 422 13.37 13.25 5.43
N PHE B 423 14.66 13.10 5.74
CA PHE B 423 15.73 13.50 4.81
C PHE B 423 15.64 12.76 3.48
N ASN B 424 15.46 11.44 3.51
CA ASN B 424 15.42 10.65 2.28
C ASN B 424 14.29 11.05 1.36
N ILE B 425 13.10 11.27 1.95
CA ILE B 425 11.92 11.66 1.17
C ILE B 425 12.22 12.96 0.39
N ALA B 426 12.71 13.98 1.09
CA ALA B 426 12.97 15.27 0.47
C ALA B 426 14.15 15.17 -0.52
N SER B 427 15.21 14.44 -0.14
CA SER B 427 16.43 14.31 -0.95
C SER B 427 16.12 13.71 -2.33
N TYR B 428 15.40 12.58 -2.35
CA TYR B 428 15.12 11.89 -3.61
C TYR B 428 14.10 12.67 -4.43
N SER B 429 13.22 13.42 -3.75
CA SER B 429 12.30 14.30 -4.45
C SER B 429 13.00 15.45 -5.18
N ILE B 430 13.98 16.06 -4.52
CA ILE B 430 14.82 17.05 -5.20
C ILE B 430 15.57 16.45 -6.36
N LEU B 431 16.25 15.32 -6.14
CA LEU B 431 16.99 14.66 -7.18
C LEU B 431 16.12 14.37 -8.42
N THR B 432 14.90 13.84 -8.19
CA THR B 432 13.97 13.55 -9.30
C THR B 432 13.62 14.84 -10.06
N ALA B 433 13.29 15.90 -9.33
CA ALA B 433 13.03 17.21 -9.97
C ALA B 433 14.21 17.73 -10.78
N MET B 434 15.43 17.60 -10.25
CA MET B 434 16.64 18.04 -10.99
C MET B 434 16.81 17.24 -12.27
N VAL B 435 16.73 15.92 -12.13
CA VAL B 435 16.89 15.07 -13.30
C VAL B 435 15.77 15.38 -14.32
N ALA B 436 14.53 15.53 -13.87
CA ALA B 436 13.45 15.88 -14.80
C ALA B 436 13.76 17.19 -15.54
N GLN B 437 14.24 18.19 -14.80
CA GLN B 437 14.52 19.49 -15.44
C GLN B 437 15.62 19.34 -16.52
N VAL B 438 16.73 18.68 -16.18
CA VAL B 438 17.85 18.58 -17.14
C VAL B 438 17.50 17.72 -18.36
N CYS B 439 16.50 16.83 -18.22
CA CYS B 439 16.09 15.96 -19.35
C CYS B 439 14.82 16.47 -20.05
N GLY B 440 14.36 17.67 -19.66
CA GLY B 440 13.18 18.28 -20.28
C GLY B 440 11.88 17.53 -20.01
N LEU B 441 11.76 16.98 -18.81
CA LEU B 441 10.58 16.18 -18.48
C LEU B 441 9.74 16.87 -17.41
N GLY B 442 8.44 16.55 -17.37
CA GLY B 442 7.57 16.87 -16.22
C GLY B 442 7.82 15.94 -15.02
N LEU B 443 7.04 16.16 -13.95
CA LEU B 443 7.21 15.40 -12.73
C LEU B 443 6.13 14.37 -12.49
N GLY B 444 6.57 13.16 -12.14
CA GLY B 444 5.67 12.08 -11.76
C GLY B 444 5.72 11.93 -10.26
N GLU B 445 6.06 10.72 -9.80
CA GLU B 445 6.00 10.40 -8.39
C GLU B 445 7.34 9.94 -7.86
N PHE B 446 7.61 10.23 -6.59
CA PHE B 446 8.66 9.52 -5.88
C PHE B 446 8.02 8.39 -5.09
N VAL B 447 8.46 7.16 -5.37
CA VAL B 447 7.96 5.96 -4.69
C VAL B 447 9.07 5.41 -3.76
N HIS B 448 8.79 5.34 -2.45
CA HIS B 448 9.81 5.09 -1.42
C HIS B 448 9.55 3.75 -0.73
N ASN B 449 10.42 2.76 -0.99
CA ASN B 449 10.28 1.44 -0.36
C ASN B 449 11.14 1.37 0.88
N LEU B 450 10.50 1.07 2.03
CA LEU B 450 11.22 0.94 3.30
C LEU B 450 11.33 -0.54 3.62
N ALA B 451 12.55 -1.02 3.83
CA ALA B 451 12.74 -2.41 4.28
C ALA B 451 12.68 -2.48 5.81
N ASP B 452 13.83 -2.41 6.49
CA ASP B 452 13.81 -2.37 7.95
C ASP B 452 13.49 -0.95 8.40
N ALA B 453 12.23 -0.71 8.81
CA ALA B 453 11.81 0.62 9.28
C ALA B 453 11.85 0.60 10.81
N HIS B 454 12.61 1.50 11.43
CA HIS B 454 12.76 1.42 12.89
C HIS B 454 12.77 2.78 13.55
N ILE B 455 12.42 2.76 14.83
CA ILE B 455 12.40 3.95 15.64
C ILE B 455 13.31 3.69 16.84
N TYR B 456 14.35 4.51 16.97
CA TYR B 456 15.22 4.39 18.13
C TYR B 456 14.45 4.63 19.43
N VAL B 457 14.76 3.86 20.46
CA VAL B 457 13.97 3.97 21.70
C VAL B 457 14.05 5.38 22.29
N ASP B 458 15.17 6.07 22.09
CA ASP B 458 15.29 7.45 22.62
C ASP B 458 14.59 8.50 21.76
N HIS B 459 13.94 8.05 20.69
CA HIS B 459 13.06 8.90 19.86
C HIS B 459 11.57 8.67 20.14
N VAL B 460 11.25 7.68 20.96
CA VAL B 460 9.86 7.30 21.18
C VAL B 460 8.98 8.49 21.57
N ASP B 461 9.39 9.24 22.59
CA ASP B 461 8.61 10.40 23.05
C ASP B 461 8.45 11.46 21.96
N ALA B 462 9.55 11.79 21.28
CA ALA B 462 9.54 12.71 20.16
C ALA B 462 8.51 12.34 19.08
N VAL B 463 8.46 11.07 18.70
CA VAL B 463 7.55 10.69 17.60
C VAL B 463 6.12 10.58 18.08
N THR B 464 5.92 10.24 19.36
CA THR B 464 4.61 10.27 19.99
C THR B 464 4.04 11.70 19.91
N THR B 465 4.86 12.70 20.22
CA THR B 465 4.49 14.10 20.04
C THR B 465 4.15 14.39 18.57
N GLN B 466 4.97 13.88 17.67
CA GLN B 466 4.84 14.25 16.24
C GLN B 466 3.55 13.73 15.62
N ILE B 467 3.20 12.47 15.91
CA ILE B 467 2.05 11.85 15.24
C ILE B 467 0.70 12.46 15.66
N ALA B 468 0.71 13.25 16.73
CA ALA B 468 -0.50 13.95 17.20
C ALA B 468 -0.72 15.28 16.47
N ARG B 469 0.32 15.75 15.78
CA ARG B 469 0.28 17.05 15.12
C ARG B 469 -0.40 16.97 13.76
N ILE B 470 -1.27 17.95 13.47
CA ILE B 470 -2.00 17.98 12.21
C ILE B 470 -1.07 18.53 11.12
N PRO B 471 -0.87 17.76 10.02
CA PRO B 471 -0.05 18.26 8.92
C PRO B 471 -0.60 19.57 8.35
N HIS B 472 0.32 20.48 8.07
CA HIS B 472 0.06 21.66 7.26
C HIS B 472 0.17 21.23 5.79
N PRO B 473 -0.39 22.05 4.87
CA PRO B 473 -0.18 21.74 3.45
C PRO B 473 1.32 21.68 3.17
N PHE B 474 1.75 20.70 2.39
CA PHE B 474 3.15 20.63 1.93
C PHE B 474 3.56 21.94 1.20
N PRO B 475 4.85 22.27 1.22
CA PRO B 475 5.35 23.41 0.45
C PRO B 475 5.46 23.02 -1.03
N ARG B 476 6.14 23.84 -1.83
CA ARG B 476 6.37 23.51 -3.24
C ARG B 476 7.82 23.85 -3.59
N LEU B 477 8.35 23.16 -4.60
CA LEU B 477 9.74 23.28 -4.99
C LEU B 477 9.85 24.08 -6.28
N ARG B 478 10.73 25.07 -6.28
CA ARG B 478 11.00 25.80 -7.51
C ARG B 478 12.52 25.72 -7.75
N LEU B 479 12.92 25.03 -8.82
CA LEU B 479 14.33 25.02 -9.24
C LEU B 479 14.60 26.18 -10.18
N ASN B 480 15.82 26.72 -10.14
CA ASN B 480 16.25 27.74 -11.08
C ASN B 480 16.17 27.15 -12.50
N PRO B 481 15.27 27.68 -13.36
CA PRO B 481 15.03 27.08 -14.70
C PRO B 481 16.20 27.23 -15.69
N ASP B 482 17.18 28.06 -15.37
CA ASP B 482 18.35 28.24 -16.25
C ASP B 482 19.43 27.15 -16.07
N ILE B 483 19.27 26.29 -15.08
CA ILE B 483 20.28 25.25 -14.86
C ILE B 483 20.08 24.11 -15.87
N ARG B 484 21.12 23.87 -16.68
CA ARG B 484 21.05 22.90 -17.79
C ARG B 484 21.67 21.57 -17.43
N ASN B 485 22.64 21.58 -16.50
CA ASN B 485 23.39 20.35 -16.10
C ASN B 485 23.30 20.12 -14.60
N ILE B 486 23.15 18.85 -14.19
CA ILE B 486 22.89 18.53 -12.78
C ILE B 486 24.04 19.00 -11.85
N GLU B 487 25.25 18.99 -12.38
CA GLU B 487 26.41 19.41 -11.59
CA GLU B 487 26.48 19.46 -11.70
C GLU B 487 26.44 20.94 -11.35
N ASP B 488 25.61 21.68 -12.10
CA ASP B 488 25.54 23.13 -11.96
C ASP B 488 24.59 23.63 -10.85
N PHE B 489 23.72 22.79 -10.32
CA PHE B 489 22.80 23.24 -9.26
C PHE B 489 23.62 23.62 -8.02
N THR B 490 23.36 24.81 -7.47
CA THR B 490 23.90 25.19 -6.15
C THR B 490 22.71 25.32 -5.17
N ILE B 491 22.98 25.60 -3.89
CA ILE B 491 21.87 25.69 -2.92
C ILE B 491 20.87 26.80 -3.25
N ASP B 492 21.38 27.93 -3.78
CA ASP B 492 20.53 29.03 -4.21
C ASP B 492 19.62 28.69 -5.39
N ASP B 493 19.92 27.62 -6.12
CA ASP B 493 19.08 27.19 -7.25
C ASP B 493 17.93 26.25 -6.85
N ILE B 494 17.88 25.87 -5.57
CA ILE B 494 16.93 24.86 -5.06
C ILE B 494 16.08 25.51 -3.95
N VAL B 495 14.90 26.00 -4.32
CA VAL B 495 14.14 26.86 -3.43
C VAL B 495 12.84 26.19 -3.06
N VAL B 496 12.63 26.03 -1.77
CA VAL B 496 11.34 25.51 -1.30
C VAL B 496 10.52 26.72 -0.85
N GLU B 497 9.35 26.88 -1.43
CA GLU B 497 8.48 28.00 -1.12
C GLU B 497 7.31 27.56 -0.23
N ASP B 498 6.88 28.46 0.64
CA ASP B 498 5.63 28.35 1.41
C ASP B 498 5.69 27.16 2.37
N TYR B 499 6.85 26.96 3.00
CA TYR B 499 7.02 25.88 3.99
C TYR B 499 6.47 26.36 5.33
N VAL B 500 5.42 25.68 5.79
CA VAL B 500 4.78 25.98 7.06
C VAL B 500 4.94 24.71 7.86
N SER B 501 5.54 24.81 9.04
CA SER B 501 5.75 23.60 9.81
C SER B 501 5.48 23.85 11.27
N HIS B 502 5.19 22.76 11.99
CA HIS B 502 5.18 22.75 13.44
C HIS B 502 6.62 22.94 13.93
N PRO B 503 6.82 23.18 15.24
CA PRO B 503 8.21 23.41 15.67
C PRO B 503 9.14 22.20 15.52
N PRO B 504 10.47 22.45 15.50
CA PRO B 504 11.44 21.36 15.47
C PRO B 504 11.30 20.47 16.70
N ILE B 505 11.53 19.17 16.51
CA ILE B 505 11.52 18.20 17.60
C ILE B 505 12.92 17.58 17.71
N PRO B 506 13.69 17.94 18.75
CA PRO B 506 15.05 17.40 18.91
C PRO B 506 15.05 15.87 18.98
N MET B 507 15.98 15.26 18.26
CA MET B 507 16.17 13.81 18.24
C MET B 507 17.67 13.54 18.16
N ALA B 508 18.22 12.82 19.14
CA ALA B 508 19.68 12.58 19.25
C ALA B 508 20.32 11.87 18.06
#